data_2XE2
#
_entry.id   2XE2
#
_cell.length_a   128.023
_cell.length_b   74.198
_cell.length_c   133.499
_cell.angle_alpha   90.00
_cell.angle_beta   124.75
_cell.angle_gamma   90.00
#
_symmetry.space_group_name_H-M   'C 1 2 1'
#
loop_
_entity.id
_entity.type
_entity.pdbx_description
1 polymer 'OUTER MEMBRANE PORIN C'
2 non-polymer 'N-OCTYL-2-HYDROXYETHYL SULFOXIDE'
3 water water
#
_entity_poly.entity_id   1
_entity_poly.type   'polypeptide(L)'
_entity_poly.pdbx_seq_one_letter_code
;AEIYNKDGNKLDLYGKVDGLHYFSDNDSKDGDKTYMRLGFKGETQVTDQLTGYGQWEYQIQGNEPESDNSSWTRVAFAGL
KFQDVGSFDYGRNYGVVYDVTSWTDVLPEFGGDTYDSDNFMQQRGNGFATYRNTDFFGLVDGLDFAVQYQGKNGSAHGEG
MTTNGRDDVFEQNGDGVGGSITYNYEGFGIGAAVSSSKRTWDQNNTGLIGTGDRAETYTGGLKYDANNIYLAAQYTQTYN
ATRVGSLGWANKAQNFEAVAQYQFDFGLRPSLAYLQSKGKNLGRGYDDEDILKYVDVGATYYFNKNMSTYVDYKINLLDD
NRFTRDAGINTDDIVALGLVYQF
;
_entity_poly.pdbx_strand_id   A,B,C
#
loop_
_chem_comp.id
_chem_comp.type
_chem_comp.name
_chem_comp.formula
OES non-polymer 'N-OCTYL-2-HYDROXYETHYL SULFOXIDE' 'C10 H22 O2 S'
#
# COMPACT_ATOMS: atom_id res chain seq x y z
N ALA A 1 -10.00 12.99 10.41
CA ALA A 1 -9.64 14.13 11.31
C ALA A 1 -8.90 15.21 10.52
N GLU A 2 -9.26 16.47 10.77
CA GLU A 2 -8.58 17.60 10.15
C GLU A 2 -7.23 17.78 10.83
N ILE A 3 -6.17 17.40 10.13
CA ILE A 3 -4.80 17.45 10.68
C ILE A 3 -4.00 18.63 10.12
N TYR A 4 -4.64 19.43 9.27
CA TYR A 4 -3.97 20.57 8.65
C TYR A 4 -5.00 21.55 8.08
N ASN A 5 -4.79 22.82 8.35
CA ASN A 5 -5.70 23.89 7.94
C ASN A 5 -4.90 25.18 8.07
N LYS A 6 -4.44 25.72 6.94
CA LYS A 6 -3.45 26.79 6.95
C LYS A 6 -3.39 27.49 5.60
N ASP A 7 -3.28 28.81 5.64
CA ASP A 7 -3.06 29.62 4.43
C ASP A 7 -3.87 29.13 3.23
N GLY A 8 -5.17 28.90 3.45
CA GLY A 8 -6.09 28.59 2.36
C GLY A 8 -6.27 27.13 1.97
N ASN A 9 -5.50 26.22 2.55
CA ASN A 9 -5.66 24.78 2.29
C ASN A 9 -5.92 24.01 3.58
N LYS A 10 -6.85 23.06 3.52
CA LYS A 10 -7.05 22.15 4.65
C LYS A 10 -7.03 20.69 4.20
N LEU A 11 -6.69 19.80 5.12
CA LEU A 11 -6.53 18.38 4.81
C LEU A 11 -7.11 17.54 5.94
N ASP A 12 -8.10 16.73 5.59
CA ASP A 12 -8.72 15.78 6.50
C ASP A 12 -8.09 14.42 6.22
N LEU A 13 -7.32 13.91 7.17
CA LEU A 13 -6.82 12.54 7.11
C LEU A 13 -7.79 11.71 7.94
N TYR A 14 -8.40 10.72 7.31
CA TYR A 14 -9.41 9.90 7.97
C TYR A 14 -9.15 8.43 7.71
N GLY A 15 -9.86 7.60 8.46
CA GLY A 15 -9.72 6.16 8.33
C GLY A 15 -10.47 5.40 9.40
N LYS A 16 -10.38 4.08 9.33
CA LYS A 16 -10.93 3.23 10.39
C LYS A 16 -10.32 1.84 10.38
N VAL A 17 -10.42 1.19 11.53
CA VAL A 17 -10.10 -0.22 11.68
C VAL A 17 -11.37 -0.95 12.11
N ASP A 18 -11.81 -1.88 11.27
CA ASP A 18 -12.97 -2.72 11.60
C ASP A 18 -12.46 -4.11 11.94
N GLY A 19 -12.44 -4.43 13.24
CA GLY A 19 -12.26 -5.79 13.71
C GLY A 19 -13.57 -6.52 13.45
N LEU A 20 -13.54 -7.45 12.50
CA LEU A 20 -14.75 -7.97 11.90
C LEU A 20 -14.66 -9.48 11.76
N HIS A 21 -15.75 -10.17 12.10
CA HIS A 21 -15.81 -11.62 11.96
C HIS A 21 -17.13 -12.05 11.39
N TYR A 22 -17.09 -12.97 10.42
CA TYR A 22 -18.28 -13.52 9.78
C TYR A 22 -18.52 -14.94 10.28
N PHE A 23 -19.78 -15.26 10.59
CA PHE A 23 -20.19 -16.63 10.94
C PHE A 23 -21.17 -17.12 9.90
N SER A 24 -20.81 -18.18 9.17
CA SER A 24 -21.68 -18.72 8.11
C SER A 24 -21.44 -20.20 7.86
N ASP A 25 -22.49 -20.90 7.45
CA ASP A 25 -22.38 -22.30 7.05
C ASP A 25 -21.56 -22.44 5.77
N ASN A 26 -21.60 -21.41 4.93
CA ASN A 26 -20.70 -21.33 3.76
C ASN A 26 -19.28 -21.03 4.24
N ASP A 27 -18.38 -22.00 4.07
CA ASP A 27 -16.98 -21.88 4.53
C ASP A 27 -16.26 -20.68 3.92
N SER A 28 -16.61 -20.33 2.70
CA SER A 28 -16.03 -19.18 2.01
C SER A 28 -16.49 -17.84 2.57
N LYS A 29 -17.55 -17.84 3.37
CA LYS A 29 -18.05 -16.63 4.01
C LYS A 29 -17.92 -16.72 5.53
N ASP A 30 -17.04 -17.59 6.02
CA ASP A 30 -16.89 -17.78 7.47
C ASP A 30 -15.47 -17.48 7.90
N GLY A 31 -15.34 -16.63 8.91
CA GLY A 31 -14.04 -16.34 9.51
C GLY A 31 -13.71 -14.87 9.63
N ASP A 32 -12.44 -14.60 9.92
CA ASP A 32 -11.94 -13.24 10.14
C ASP A 32 -12.07 -12.40 8.87
N LYS A 33 -12.69 -11.23 8.99
CA LYS A 33 -12.84 -10.29 7.87
C LYS A 33 -12.29 -8.90 8.22
N THR A 34 -11.43 -8.85 9.24
CA THR A 34 -10.82 -7.59 9.68
C THR A 34 -10.20 -6.81 8.52
N TYR A 35 -10.41 -5.49 8.52
CA TYR A 35 -9.87 -4.63 7.49
C TYR A 35 -9.77 -3.19 8.00
N MET A 36 -9.05 -2.37 7.25
CA MET A 36 -8.98 -0.96 7.54
C MET A 36 -9.14 -0.13 6.27
N ARG A 37 -9.55 1.11 6.44
CA ARG A 37 -9.58 2.08 5.36
C ARG A 37 -8.81 3.32 5.78
N LEU A 38 -8.17 3.94 4.80
CA LEU A 38 -7.38 5.13 5.03
C LEU A 38 -7.64 6.09 3.88
N GLY A 39 -7.75 7.38 4.19
CA GLY A 39 -7.96 8.36 3.15
C GLY A 39 -7.65 9.78 3.58
N PHE A 40 -7.58 10.67 2.59
CA PHE A 40 -7.50 12.09 2.85
C PHE A 40 -8.45 12.87 1.96
N LYS A 41 -9.01 13.94 2.51
CA LYS A 41 -9.84 14.89 1.78
C LYS A 41 -9.12 16.22 1.86
N GLY A 42 -8.62 16.69 0.72
CA GLY A 42 -7.92 17.96 0.65
C GLY A 42 -8.76 18.99 -0.08
N GLU A 43 -8.66 20.24 0.35
CA GLU A 43 -9.47 21.33 -0.20
C GLU A 43 -8.74 22.65 -0.07
N THR A 44 -8.63 23.39 -1.18
CA THR A 44 -7.90 24.66 -1.20
C THR A 44 -8.75 25.81 -1.76
N GLN A 45 -8.76 26.93 -1.04
CA GLN A 45 -9.47 28.14 -1.49
C GLN A 45 -8.61 28.90 -2.47
N VAL A 46 -8.97 28.82 -3.75
CA VAL A 46 -8.28 29.58 -4.78
C VAL A 46 -8.75 31.03 -4.73
N THR A 47 -10.07 31.22 -4.80
CA THR A 47 -10.68 32.55 -4.65
C THR A 47 -11.88 32.50 -3.68
N ASP A 48 -12.62 33.61 -3.63
CA ASP A 48 -13.86 33.72 -2.83
C ASP A 48 -14.88 32.65 -3.21
N GLN A 49 -14.94 32.32 -4.50
CA GLN A 49 -15.95 31.42 -5.03
C GLN A 49 -15.41 30.14 -5.67
N LEU A 50 -14.09 30.04 -5.86
CA LEU A 50 -13.48 28.89 -6.52
C LEU A 50 -12.59 28.09 -5.56
N THR A 51 -12.89 26.80 -5.42
CA THR A 51 -12.05 25.92 -4.60
C THR A 51 -11.62 24.68 -5.37
N GLY A 52 -10.36 24.29 -5.18
CA GLY A 52 -9.82 23.06 -5.73
C GLY A 52 -9.85 22.00 -4.66
N TYR A 53 -10.03 20.74 -5.05
CA TYR A 53 -10.08 19.66 -4.09
C TYR A 53 -9.56 18.35 -4.65
N GLY A 54 -9.18 17.47 -3.73
CA GLY A 54 -8.66 16.14 -4.06
C GLY A 54 -9.06 15.16 -2.99
N GLN A 55 -9.40 13.95 -3.39
CA GLN A 55 -9.78 12.92 -2.44
C GLN A 55 -9.23 11.57 -2.85
N TRP A 56 -8.88 10.77 -1.85
CA TRP A 56 -8.25 9.49 -2.04
C TRP A 56 -8.64 8.60 -0.87
N GLU A 57 -9.08 7.39 -1.18
CA GLU A 57 -9.47 6.45 -0.14
C GLU A 57 -9.00 5.05 -0.53
N TYR A 58 -8.55 4.30 0.48
CA TYR A 58 -7.78 3.09 0.27
C TYR A 58 -8.22 2.05 1.28
N GLN A 59 -8.48 0.82 0.84
CA GLN A 59 -8.80 -0.28 1.76
C GLN A 59 -7.62 -1.23 1.87
N ILE A 60 -7.25 -1.57 3.09
CA ILE A 60 -6.18 -2.52 3.36
C ILE A 60 -6.76 -3.64 4.21
N GLN A 61 -6.72 -4.85 3.70
CA GLN A 61 -7.29 -5.98 4.41
C GLN A 61 -6.41 -6.32 5.61
N GLY A 62 -7.06 -6.71 6.71
CA GLY A 62 -6.38 -7.05 7.95
C GLY A 62 -6.60 -8.48 8.39
N ASN A 63 -7.07 -9.34 7.47
CA ASN A 63 -7.38 -10.73 7.80
C ASN A 63 -6.48 -11.74 7.07
N GLU A 64 -5.39 -11.23 6.50
CA GLU A 64 -4.49 -12.03 5.68
C GLU A 64 -3.11 -12.12 6.33
N PRO A 65 -2.31 -13.15 5.97
CA PRO A 65 -0.96 -13.23 6.52
C PRO A 65 -0.04 -12.26 5.79
N GLU A 66 1.17 -12.08 6.31
CA GLU A 66 2.09 -11.06 5.81
C GLU A 66 2.77 -11.42 4.50
N SER A 67 2.64 -12.66 4.03
CA SER A 67 3.22 -13.07 2.74
C SER A 67 2.41 -12.60 1.53
N ASP A 68 1.17 -12.19 1.75
CA ASP A 68 0.23 -11.90 0.66
C ASP A 68 -0.93 -11.05 1.18
N ASN A 69 -0.67 -9.76 1.33
CA ASN A 69 -1.68 -8.83 1.86
C ASN A 69 -2.30 -7.99 0.74
N SER A 70 -3.63 -7.97 0.68
CA SER A 70 -4.39 -7.35 -0.41
C SER A 70 -4.91 -5.96 -0.04
N SER A 71 -4.80 -5.03 -0.98
CA SER A 71 -5.26 -3.65 -0.79
C SER A 71 -5.64 -3.00 -2.14
N TRP A 72 -6.41 -1.92 -2.08
CA TRP A 72 -6.86 -1.24 -3.30
C TRP A 72 -7.38 0.18 -3.03
N THR A 73 -7.33 1.00 -4.09
CA THR A 73 -7.90 2.34 -4.07
C THR A 73 -9.40 2.28 -4.35
N ARG A 74 -10.19 2.85 -3.43
CA ARG A 74 -11.63 2.98 -3.63
C ARG A 74 -11.94 4.16 -4.53
N VAL A 75 -11.45 5.34 -4.14
CA VAL A 75 -11.58 6.55 -4.96
C VAL A 75 -10.27 7.32 -5.00
N ALA A 76 -10.08 8.08 -6.08
CA ALA A 76 -8.92 8.94 -6.25
C ALA A 76 -9.24 9.95 -7.35
N PHE A 77 -9.53 11.19 -6.96
CA PHE A 77 -9.99 12.20 -7.91
C PHE A 77 -9.64 13.62 -7.49
N ALA A 78 -9.50 14.50 -8.48
CA ALA A 78 -9.28 15.93 -8.28
C ALA A 78 -10.42 16.70 -8.93
N GLY A 79 -10.64 17.94 -8.50
CA GLY A 79 -11.71 18.75 -9.07
C GLY A 79 -11.74 20.20 -8.66
N LEU A 80 -12.70 20.92 -9.25
CA LEU A 80 -12.87 22.36 -9.06
C LEU A 80 -14.35 22.63 -8.77
N LYS A 81 -14.61 23.57 -7.86
CA LYS A 81 -15.96 23.89 -7.43
C LYS A 81 -16.17 25.40 -7.46
N PHE A 82 -17.12 25.86 -8.27
CA PHE A 82 -17.45 27.28 -8.32
C PHE A 82 -18.82 27.51 -7.66
N GLN A 83 -18.86 28.45 -6.71
CA GLN A 83 -20.07 28.72 -5.92
C GLN A 83 -21.23 29.14 -6.82
N ASP A 84 -22.37 28.48 -6.63
CA ASP A 84 -23.61 28.77 -7.39
C ASP A 84 -23.46 28.58 -8.90
N VAL A 85 -22.54 27.69 -9.29
CA VAL A 85 -22.39 27.27 -10.68
C VAL A 85 -22.32 25.75 -10.72
N GLY A 86 -21.31 25.18 -10.05
CA GLY A 86 -21.19 23.73 -9.93
C GLY A 86 -19.78 23.25 -9.68
N SER A 87 -19.59 21.94 -9.85
CA SER A 87 -18.27 21.33 -9.70
C SER A 87 -17.91 20.50 -10.93
N PHE A 88 -16.62 20.30 -11.13
CA PHE A 88 -16.13 19.25 -12.04
C PHE A 88 -15.04 18.45 -11.36
N ASP A 89 -15.19 17.13 -11.33
CA ASP A 89 -14.06 16.27 -10.92
C ASP A 89 -13.84 15.09 -11.86
N TYR A 90 -12.61 14.56 -11.82
CA TYR A 90 -12.21 13.45 -12.66
C TYR A 90 -11.29 12.50 -11.90
N GLY A 91 -11.47 11.20 -12.19
CA GLY A 91 -10.65 10.14 -11.61
C GLY A 91 -11.47 8.90 -11.31
N ARG A 92 -10.93 8.05 -10.45
CA ARG A 92 -11.71 6.96 -9.88
C ARG A 92 -12.67 7.56 -8.86
N ASN A 93 -13.97 7.37 -9.09
CA ASN A 93 -15.00 7.96 -8.25
C ASN A 93 -16.24 7.10 -8.33
N TYR A 94 -17.33 7.53 -7.68
CA TYR A 94 -18.60 6.81 -7.74
C TYR A 94 -19.40 7.24 -8.96
N GLY A 95 -20.05 6.26 -9.60
CA GLY A 95 -20.98 6.54 -10.69
C GLY A 95 -22.22 7.23 -10.19
N VAL A 96 -22.85 8.02 -11.06
CA VAL A 96 -24.00 8.85 -10.66
C VAL A 96 -25.26 8.06 -10.34
N VAL A 97 -25.31 6.79 -10.76
CA VAL A 97 -26.41 5.92 -10.38
C VAL A 97 -26.44 5.83 -8.86
N TYR A 98 -25.25 5.84 -8.25
CA TYR A 98 -25.09 5.73 -6.80
C TYR A 98 -25.57 6.97 -6.04
N ASP A 99 -25.74 8.10 -6.74
CA ASP A 99 -26.34 9.29 -6.14
C ASP A 99 -27.69 8.98 -5.53
N VAL A 100 -28.37 7.96 -6.08
CA VAL A 100 -29.67 7.53 -5.58
C VAL A 100 -29.63 6.19 -4.83
N THR A 101 -28.87 5.23 -5.34
CA THR A 101 -28.84 3.89 -4.74
C THR A 101 -28.05 3.85 -3.42
N SER A 102 -27.22 4.84 -3.18
CA SER A 102 -26.51 4.99 -1.89
C SER A 102 -27.49 5.16 -0.73
N TRP A 103 -28.69 5.66 -1.03
CA TRP A 103 -29.70 5.90 0.00
C TRP A 103 -30.10 4.65 0.80
N THR A 104 -30.02 3.49 0.16
CA THR A 104 -30.29 2.21 0.85
C THR A 104 -29.01 1.51 1.28
N ASP A 105 -27.85 2.01 0.86
CA ASP A 105 -26.56 1.41 1.20
C ASP A 105 -26.07 1.94 2.55
N VAL A 106 -26.80 1.59 3.60
CA VAL A 106 -26.56 2.11 4.94
C VAL A 106 -26.66 1.03 6.02
N LEU A 107 -26.54 -0.24 5.63
CA LEU A 107 -26.61 -1.32 6.61
C LEU A 107 -25.29 -1.39 7.39
N PRO A 108 -25.32 -2.01 8.59
CA PRO A 108 -24.11 -2.14 9.42
C PRO A 108 -22.95 -2.81 8.72
N GLU A 109 -23.20 -3.91 8.03
CA GLU A 109 -22.15 -4.65 7.30
C GLU A 109 -22.51 -4.98 5.86
N PHE A 110 -23.70 -5.55 5.65
CA PHE A 110 -24.12 -6.04 4.34
C PHE A 110 -24.82 -4.93 3.55
N GLY A 111 -25.68 -5.30 2.60
CA GLY A 111 -26.38 -4.31 1.77
C GLY A 111 -25.57 -3.81 0.60
N GLY A 112 -26.20 -2.99 -0.23
CA GLY A 112 -25.51 -2.31 -1.34
C GLY A 112 -24.88 -3.22 -2.37
N ASP A 113 -25.47 -4.40 -2.57
CA ASP A 113 -24.87 -5.42 -3.44
C ASP A 113 -25.83 -6.02 -4.47
N THR A 114 -26.79 -5.21 -4.92
CA THR A 114 -27.49 -5.48 -6.18
C THR A 114 -26.68 -4.90 -7.36
N TYR A 115 -25.40 -4.62 -7.12
CA TYR A 115 -24.47 -4.07 -8.09
C TYR A 115 -23.09 -4.19 -7.47
N ASP A 116 -22.05 -3.98 -8.26
CA ASP A 116 -20.67 -4.18 -7.78
C ASP A 116 -19.84 -2.93 -8.01
N SER A 117 -18.59 -3.00 -7.55
CA SER A 117 -17.57 -2.05 -7.94
C SER A 117 -17.11 -2.36 -9.35
N ASP A 118 -16.62 -1.34 -10.05
CA ASP A 118 -16.19 -1.48 -11.45
C ASP A 118 -17.24 -2.18 -12.28
N ASN A 119 -18.49 -1.77 -12.08
CA ASN A 119 -19.63 -2.40 -12.70
C ASN A 119 -20.38 -1.29 -13.44
N PHE A 120 -19.84 -0.93 -14.60
CA PHE A 120 -20.35 0.21 -15.37
C PHE A 120 -20.51 1.43 -14.46
N MET A 121 -21.54 2.25 -14.64
CA MET A 121 -21.63 3.51 -13.88
C MET A 121 -22.51 3.37 -12.63
N GLN A 122 -22.51 2.18 -12.02
CA GLN A 122 -23.42 1.87 -10.92
C GLN A 122 -22.78 2.12 -9.54
N GLN A 123 -21.47 1.93 -9.45
CA GLN A 123 -20.77 2.23 -8.21
C GLN A 123 -19.40 2.80 -8.53
N ARG A 124 -18.42 2.56 -7.64
CA ARG A 124 -17.04 2.97 -7.89
C ARG A 124 -16.54 2.40 -9.21
N GLY A 125 -15.77 3.21 -9.92
CA GLY A 125 -15.16 2.77 -11.18
C GLY A 125 -14.15 3.76 -11.66
N ASN A 126 -13.36 3.37 -12.67
CA ASN A 126 -12.28 4.20 -13.20
C ASN A 126 -12.76 5.25 -14.21
N GLY A 127 -12.07 6.40 -14.21
CA GLY A 127 -12.19 7.40 -15.27
C GLY A 127 -13.51 8.11 -15.43
N PHE A 128 -14.21 8.40 -14.33
CA PHE A 128 -15.42 9.21 -14.37
C PHE A 128 -15.06 10.70 -14.52
N ALA A 129 -15.71 11.37 -15.48
CA ALA A 129 -15.69 12.83 -15.55
C ALA A 129 -17.08 13.30 -15.14
N THR A 130 -17.19 13.95 -13.98
CA THR A 130 -18.49 14.22 -13.35
C THR A 130 -18.74 15.71 -13.16
N TYR A 131 -19.79 16.22 -13.81
CA TYR A 131 -20.24 17.59 -13.67
C TYR A 131 -21.44 17.59 -12.73
N ARG A 132 -21.38 18.43 -11.69
CA ARG A 132 -22.46 18.51 -10.70
C ARG A 132 -22.94 19.94 -10.50
N ASN A 133 -24.26 20.09 -10.40
CA ASN A 133 -24.90 21.38 -10.11
C ASN A 133 -25.66 21.24 -8.81
N THR A 134 -25.34 22.10 -7.85
CA THR A 134 -25.87 21.98 -6.50
C THR A 134 -26.83 23.13 -6.23
N ASP A 135 -28.05 22.78 -5.85
CA ASP A 135 -29.12 23.75 -5.56
C ASP A 135 -29.48 24.62 -6.78
N PHE A 136 -29.41 24.03 -7.97
CA PHE A 136 -29.77 24.70 -9.23
C PHE A 136 -29.28 26.16 -9.30
N PHE A 137 -27.96 26.34 -9.35
CA PHE A 137 -27.34 27.68 -9.40
C PHE A 137 -27.68 28.52 -8.17
N GLY A 138 -27.93 27.87 -7.04
CA GLY A 138 -28.31 28.55 -5.82
C GLY A 138 -29.70 29.17 -5.83
N LEU A 139 -30.54 28.74 -6.77
CA LEU A 139 -31.90 29.25 -6.90
C LEU A 139 -32.97 28.33 -6.31
N VAL A 140 -32.67 27.03 -6.22
CA VAL A 140 -33.60 26.05 -5.67
C VAL A 140 -32.86 25.16 -4.67
N ASP A 141 -32.90 25.54 -3.39
CA ASP A 141 -32.21 24.78 -2.34
C ASP A 141 -32.75 23.35 -2.33
N GLY A 142 -31.85 22.38 -2.44
CA GLY A 142 -32.21 20.96 -2.40
C GLY A 142 -32.23 20.24 -3.73
N LEU A 143 -32.33 20.98 -4.84
CA LEU A 143 -32.37 20.37 -6.18
C LEU A 143 -30.97 20.22 -6.75
N ASP A 144 -30.51 18.98 -6.88
CA ASP A 144 -29.19 18.69 -7.42
C ASP A 144 -29.28 17.87 -8.70
N PHE A 145 -28.38 18.12 -9.64
CA PHE A 145 -28.25 17.23 -10.78
C PHE A 145 -26.81 17.03 -11.21
N ALA A 146 -26.57 15.93 -11.93
CA ALA A 146 -25.23 15.57 -12.36
C ALA A 146 -25.30 14.96 -13.74
N VAL A 147 -24.31 15.30 -14.57
CA VAL A 147 -24.03 14.60 -15.81
C VAL A 147 -22.65 13.96 -15.69
N GLN A 148 -22.51 12.75 -16.19
CA GLN A 148 -21.29 11.98 -15.98
C GLN A 148 -20.91 11.22 -17.23
N TYR A 149 -19.62 11.24 -17.53
CA TYR A 149 -19.05 10.49 -18.64
C TYR A 149 -18.02 9.53 -18.06
N GLN A 150 -18.06 8.27 -18.50
CA GLN A 150 -17.01 7.31 -18.16
C GLN A 150 -16.34 6.90 -19.44
N GLY A 151 -15.02 7.12 -19.52
CA GLY A 151 -14.24 6.66 -20.65
C GLY A 151 -14.06 5.16 -20.64
N LYS A 152 -13.83 4.61 -21.82
CA LYS A 152 -13.57 3.18 -22.00
C LYS A 152 -12.45 2.68 -21.08
N ASN A 153 -12.76 1.67 -20.28
CA ASN A 153 -11.77 0.90 -19.53
C ASN A 153 -11.74 -0.50 -20.13
N GLY A 154 -10.76 -0.74 -21.00
CA GLY A 154 -10.78 -1.89 -21.88
C GLY A 154 -9.98 -3.08 -21.40
N SER A 155 -9.57 -3.92 -22.34
CA SER A 155 -8.79 -5.12 -22.04
C SER A 155 -7.32 -4.78 -21.85
N ALA A 156 -6.56 -5.74 -21.32
CA ALA A 156 -5.12 -5.55 -21.10
C ALA A 156 -4.28 -6.09 -22.26
N HIS A 157 -4.94 -6.64 -23.27
CA HIS A 157 -4.26 -7.22 -24.43
C HIS A 157 -5.17 -7.25 -25.66
N GLY A 158 -4.57 -7.19 -26.85
CA GLY A 158 -5.29 -7.41 -28.10
C GLY A 158 -6.22 -6.28 -28.50
N GLU A 159 -7.38 -6.64 -29.04
CA GLU A 159 -8.38 -5.66 -29.48
C GLU A 159 -9.04 -4.98 -28.27
N GLY A 160 -9.41 -3.72 -28.44
CA GLY A 160 -10.12 -2.97 -27.40
C GLY A 160 -9.28 -2.73 -26.17
N MET A 161 -7.98 -2.54 -26.36
CA MET A 161 -7.03 -2.36 -25.26
C MET A 161 -6.99 -0.91 -24.80
N THR A 162 -6.87 -0.70 -23.50
CA THR A 162 -6.55 0.62 -22.96
C THR A 162 -5.29 0.53 -22.13
N THR A 163 -4.70 1.70 -21.86
CA THR A 163 -3.46 1.79 -21.09
C THR A 163 -3.66 1.23 -19.68
N ASN A 164 -4.85 1.43 -19.12
CA ASN A 164 -5.24 0.83 -17.84
C ASN A 164 -6.10 -0.41 -18.02
N GLY A 165 -5.83 -1.17 -19.09
CA GLY A 165 -6.62 -2.33 -19.43
C GLY A 165 -6.69 -3.39 -18.34
N ARG A 166 -7.69 -4.25 -18.44
CA ARG A 166 -7.99 -5.27 -17.44
C ARG A 166 -8.59 -6.50 -18.11
N ASP A 167 -8.08 -7.68 -17.79
CA ASP A 167 -8.50 -8.92 -18.45
C ASP A 167 -9.80 -9.50 -17.93
N ASP A 168 -10.20 -9.11 -16.72
CA ASP A 168 -11.50 -9.48 -16.17
C ASP A 168 -12.60 -8.66 -16.85
N VAL A 169 -13.43 -9.32 -17.65
CA VAL A 169 -14.47 -8.66 -18.43
C VAL A 169 -15.56 -8.00 -17.56
N PHE A 170 -15.77 -8.53 -16.36
CA PHE A 170 -16.74 -7.94 -15.43
C PHE A 170 -16.32 -6.55 -14.94
N GLU A 171 -15.05 -6.20 -15.10
CA GLU A 171 -14.51 -4.91 -14.66
C GLU A 171 -14.23 -3.95 -15.81
N GLN A 172 -14.41 -4.40 -17.05
CA GLN A 172 -14.29 -3.53 -18.23
C GLN A 172 -15.54 -2.68 -18.46
N ASN A 173 -15.41 -1.69 -19.33
CA ASN A 173 -16.55 -0.91 -19.85
C ASN A 173 -16.14 -0.16 -21.11
N GLY A 174 -17.12 0.17 -21.93
CA GLY A 174 -16.94 1.12 -23.03
C GLY A 174 -17.32 2.52 -22.56
N ASP A 175 -17.34 3.47 -23.49
CA ASP A 175 -17.79 4.82 -23.20
C ASP A 175 -19.22 4.78 -22.68
N GLY A 176 -19.47 5.50 -21.59
CA GLY A 176 -20.80 5.56 -20.99
C GLY A 176 -21.19 6.97 -20.59
N VAL A 177 -22.50 7.22 -20.57
CA VAL A 177 -23.05 8.51 -20.17
C VAL A 177 -24.13 8.26 -19.14
N GLY A 178 -24.19 9.12 -18.12
CA GLY A 178 -25.18 8.99 -17.06
C GLY A 178 -25.59 10.32 -16.48
N GLY A 179 -26.78 10.34 -15.91
CA GLY A 179 -27.31 11.55 -15.27
C GLY A 179 -28.08 11.19 -14.02
N SER A 180 -28.14 12.14 -13.09
CA SER A 180 -28.95 11.98 -11.89
C SER A 180 -29.60 13.30 -11.53
N ILE A 181 -30.82 13.22 -11.00
CA ILE A 181 -31.49 14.36 -10.38
C ILE A 181 -32.00 13.93 -9.02
N THR A 182 -31.85 14.79 -8.02
CA THR A 182 -32.38 14.51 -6.69
C THR A 182 -32.96 15.79 -6.08
N TYR A 183 -33.95 15.62 -5.20
CA TYR A 183 -34.52 16.73 -4.45
C TYR A 183 -34.72 16.32 -2.99
N ASN A 184 -34.10 17.07 -2.09
CA ASN A 184 -34.28 16.87 -0.66
C ASN A 184 -34.93 18.10 -0.03
N TYR A 185 -35.87 17.88 0.89
CA TYR A 185 -36.57 18.95 1.58
C TYR A 185 -37.06 18.52 2.96
N GLU A 186 -36.53 19.16 3.99
CA GLU A 186 -36.90 18.88 5.39
C GLU A 186 -36.92 17.38 5.72
N GLY A 187 -35.89 16.67 5.29
CA GLY A 187 -35.75 15.24 5.59
C GLY A 187 -36.27 14.31 4.53
N PHE A 188 -37.18 14.80 3.67
CA PHE A 188 -37.74 13.98 2.59
C PHE A 188 -36.83 14.04 1.36
N GLY A 189 -36.52 12.87 0.81
CA GLY A 189 -35.66 12.79 -0.37
C GLY A 189 -36.35 12.04 -1.50
N ILE A 190 -36.16 12.53 -2.72
CA ILE A 190 -36.66 11.85 -3.91
C ILE A 190 -35.67 12.05 -5.05
N GLY A 191 -35.38 10.98 -5.79
CA GLY A 191 -34.37 11.02 -6.84
C GLY A 191 -34.55 10.01 -7.95
N ALA A 192 -34.03 10.38 -9.13
CA ALA A 192 -33.94 9.48 -10.28
C ALA A 192 -32.53 9.51 -10.87
N ALA A 193 -32.12 8.40 -11.46
CA ALA A 193 -30.83 8.30 -12.13
C ALA A 193 -30.95 7.39 -13.36
N VAL A 194 -30.12 7.68 -14.35
CA VAL A 194 -30.10 6.93 -15.60
C VAL A 194 -28.65 6.82 -16.06
N SER A 195 -28.27 5.64 -16.55
CA SER A 195 -26.95 5.45 -17.10
C SER A 195 -27.01 4.59 -18.33
N SER A 196 -26.10 4.87 -19.27
CA SER A 196 -26.03 4.15 -20.53
C SER A 196 -24.56 3.97 -20.89
N SER A 197 -24.06 2.73 -20.80
CA SER A 197 -22.68 2.41 -21.10
C SER A 197 -22.59 1.48 -22.30
N LYS A 198 -21.54 1.66 -23.10
CA LYS A 198 -21.23 0.71 -24.16
C LYS A 198 -20.48 -0.47 -23.55
N ARG A 199 -20.82 -1.68 -24.01
CA ARG A 199 -20.14 -2.88 -23.56
C ARG A 199 -19.01 -3.19 -24.52
N THR A 200 -17.85 -3.59 -23.99
CA THR A 200 -16.67 -3.80 -24.80
C THR A 200 -16.78 -5.10 -25.59
N TRP A 201 -15.86 -5.32 -26.52
CA TRP A 201 -15.89 -6.52 -27.37
C TRP A 201 -15.69 -7.80 -26.57
N ASP A 202 -14.74 -7.80 -25.63
CA ASP A 202 -14.45 -8.96 -24.80
C ASP A 202 -15.65 -9.43 -23.96
N GLN A 203 -16.45 -8.50 -23.44
CA GLN A 203 -17.59 -8.88 -22.61
C GLN A 203 -18.76 -9.47 -23.41
N ASN A 204 -18.77 -9.24 -24.71
CA ASN A 204 -19.78 -9.81 -25.60
C ASN A 204 -19.29 -11.03 -26.41
N ASN A 205 -17.99 -11.32 -26.35
CA ASN A 205 -17.39 -12.40 -27.14
C ASN A 205 -16.52 -13.35 -26.31
N THR A 206 -16.99 -13.71 -25.12
CA THR A 206 -16.31 -14.69 -24.28
C THR A 206 -17.26 -15.77 -23.72
N GLY A 207 -18.44 -15.91 -24.34
CA GLY A 207 -19.35 -17.01 -24.02
C GLY A 207 -20.28 -16.81 -22.83
N LEU A 208 -20.25 -15.62 -22.24
CA LEU A 208 -21.08 -15.32 -21.07
C LEU A 208 -22.51 -14.98 -21.46
N ILE A 209 -23.40 -14.95 -20.46
CA ILE A 209 -24.79 -14.55 -20.67
C ILE A 209 -24.93 -13.04 -20.50
N GLY A 210 -26.03 -12.49 -20.99
CA GLY A 210 -26.30 -11.06 -20.84
C GLY A 210 -25.44 -10.21 -21.75
N THR A 211 -25.09 -10.76 -22.91
CA THR A 211 -24.35 -10.01 -23.92
C THR A 211 -25.30 -9.08 -24.65
N GLY A 212 -24.75 -8.01 -25.21
CA GLY A 212 -25.53 -6.99 -25.88
C GLY A 212 -24.68 -5.76 -26.12
N ASP A 213 -25.22 -4.82 -26.89
CA ASP A 213 -24.46 -3.64 -27.31
C ASP A 213 -24.16 -2.69 -26.15
N ARG A 214 -25.18 -2.41 -25.33
CA ARG A 214 -25.05 -1.43 -24.25
C ARG A 214 -25.53 -1.96 -22.92
N ALA A 215 -24.94 -1.43 -21.84
CA ALA A 215 -25.41 -1.66 -20.48
C ALA A 215 -26.23 -0.44 -20.05
N GLU A 216 -27.36 -0.66 -19.41
CA GLU A 216 -28.30 0.42 -19.09
C GLU A 216 -28.93 0.20 -17.71
N THR A 217 -29.07 1.29 -16.96
CA THR A 217 -29.70 1.29 -15.64
C THR A 217 -30.69 2.44 -15.55
N TYR A 218 -31.88 2.17 -14.99
CA TYR A 218 -32.86 3.21 -14.71
C TYR A 218 -33.27 3.08 -13.25
N THR A 219 -33.02 4.14 -12.46
CA THR A 219 -33.17 4.08 -11.02
C THR A 219 -34.10 5.18 -10.50
N GLY A 220 -35.00 4.79 -9.60
CA GLY A 220 -35.83 5.71 -8.83
C GLY A 220 -35.60 5.45 -7.35
N GLY A 221 -35.76 6.49 -6.54
CA GLY A 221 -35.48 6.37 -5.10
C GLY A 221 -36.22 7.38 -4.25
N LEU A 222 -36.58 6.95 -3.04
CA LEU A 222 -37.27 7.79 -2.06
C LEU A 222 -36.62 7.55 -0.70
N LYS A 223 -36.58 8.59 0.12
CA LYS A 223 -36.08 8.45 1.48
C LYS A 223 -36.63 9.49 2.44
N TYR A 224 -36.55 9.15 3.72
CA TYR A 224 -36.87 10.06 4.81
C TYR A 224 -35.75 9.98 5.84
N ASP A 225 -35.19 11.14 6.20
CA ASP A 225 -34.03 11.22 7.06
C ASP A 225 -34.20 12.40 8.01
N ALA A 226 -34.92 12.17 9.10
CA ALA A 226 -35.19 13.21 10.09
C ALA A 226 -35.81 12.62 11.35
N ASN A 227 -35.67 13.34 12.47
CA ASN A 227 -36.23 12.93 13.76
C ASN A 227 -35.78 11.54 14.20
N ASN A 228 -34.51 11.24 13.96
CA ASN A 228 -33.88 9.96 14.36
C ASN A 228 -34.37 8.72 13.59
N ILE A 229 -35.19 8.95 12.57
CA ILE A 229 -35.78 7.88 11.77
C ILE A 229 -35.14 7.89 10.39
N TYR A 230 -34.74 6.72 9.89
CA TYR A 230 -34.23 6.60 8.52
C TYR A 230 -35.00 5.56 7.73
N LEU A 231 -35.72 6.02 6.70
CA LEU A 231 -36.42 5.16 5.77
C LEU A 231 -35.92 5.46 4.37
N ALA A 232 -35.70 4.42 3.57
CA ALA A 232 -35.23 4.61 2.21
C ALA A 232 -35.58 3.41 1.35
N ALA A 233 -35.78 3.68 0.06
CA ALA A 233 -36.03 2.63 -0.92
C ALA A 233 -35.44 3.04 -2.26
N GLN A 234 -35.01 2.05 -3.04
CA GLN A 234 -34.55 2.28 -4.40
C GLN A 234 -34.97 1.13 -5.32
N TYR A 235 -35.39 1.48 -6.53
CA TYR A 235 -35.71 0.47 -7.53
C TYR A 235 -34.95 0.76 -8.81
N THR A 236 -34.07 -0.16 -9.20
CA THR A 236 -33.31 -0.02 -10.42
C THR A 236 -33.67 -1.17 -11.37
N GLN A 237 -33.94 -0.81 -12.62
CA GLN A 237 -34.18 -1.78 -13.68
C GLN A 237 -32.99 -1.70 -14.63
N THR A 238 -32.27 -2.81 -14.78
CA THR A 238 -31.04 -2.82 -15.57
C THR A 238 -31.16 -3.72 -16.81
N TYR A 239 -30.32 -3.43 -17.81
CA TYR A 239 -30.21 -4.27 -19.00
C TYR A 239 -28.72 -4.49 -19.30
N ASN A 240 -28.31 -5.76 -19.35
CA ASN A 240 -26.91 -6.14 -19.60
C ASN A 240 -25.89 -5.49 -18.64
N ALA A 241 -26.36 -5.14 -17.43
CA ALA A 241 -25.55 -4.38 -16.47
C ALA A 241 -25.30 -5.12 -15.15
N THR A 242 -26.30 -5.87 -14.69
CA THR A 242 -26.23 -6.58 -13.40
C THR A 242 -25.46 -7.89 -13.55
N ARG A 243 -24.49 -8.12 -12.67
CA ARG A 243 -23.72 -9.35 -12.69
C ARG A 243 -24.52 -10.50 -12.09
N VAL A 244 -24.45 -11.66 -12.74
CA VAL A 244 -25.09 -12.90 -12.28
C VAL A 244 -24.00 -13.93 -11.95
N GLY A 245 -23.41 -13.83 -10.76
CA GLY A 245 -22.36 -14.75 -10.35
C GLY A 245 -21.26 -14.81 -11.40
N SER A 246 -20.88 -16.03 -11.77
CA SER A 246 -19.87 -16.25 -12.80
C SER A 246 -20.48 -16.38 -14.21
N LEU A 247 -21.81 -16.54 -14.29
CA LEU A 247 -22.48 -16.85 -15.54
C LEU A 247 -22.34 -15.76 -16.59
N GLY A 248 -22.31 -14.50 -16.13
CA GLY A 248 -22.27 -13.36 -17.03
C GLY A 248 -23.08 -12.22 -16.45
N TRP A 249 -23.90 -11.59 -17.29
CA TRP A 249 -24.79 -10.52 -16.85
C TRP A 249 -26.25 -10.90 -17.12
N ALA A 250 -27.18 -10.15 -16.53
CA ALA A 250 -28.60 -10.40 -16.71
C ALA A 250 -29.14 -9.58 -17.88
N ASN A 251 -29.65 -10.25 -18.91
CA ASN A 251 -30.36 -9.57 -20.01
C ASN A 251 -31.22 -8.44 -19.44
N LYS A 252 -32.14 -8.80 -18.55
CA LYS A 252 -32.92 -7.84 -17.78
C LYS A 252 -32.88 -8.19 -16.29
N ALA A 253 -32.84 -7.16 -15.45
CA ALA A 253 -32.87 -7.35 -14.01
C ALA A 253 -33.71 -6.27 -13.34
N GLN A 254 -34.43 -6.67 -12.29
CA GLN A 254 -35.22 -5.74 -11.49
C GLN A 254 -34.70 -5.78 -10.06
N ASN A 255 -34.03 -4.71 -9.65
CA ASN A 255 -33.40 -4.64 -8.34
C ASN A 255 -34.20 -3.74 -7.41
N PHE A 256 -34.39 -4.17 -6.16
CA PHE A 256 -35.14 -3.40 -5.18
C PHE A 256 -34.47 -3.51 -3.81
N GLU A 257 -34.30 -2.37 -3.14
CA GLU A 257 -33.70 -2.31 -1.81
C GLU A 257 -34.56 -1.40 -0.95
N ALA A 258 -34.87 -1.85 0.26
CA ALA A 258 -35.66 -1.07 1.22
C ALA A 258 -35.08 -1.21 2.62
N VAL A 259 -35.04 -0.11 3.38
CA VAL A 259 -34.43 -0.09 4.71
C VAL A 259 -35.25 0.74 5.69
N ALA A 260 -35.24 0.31 6.96
CA ALA A 260 -35.84 1.07 8.06
C ALA A 260 -34.89 1.07 9.26
N GLN A 261 -34.60 2.25 9.79
CA GLN A 261 -33.69 2.40 10.92
C GLN A 261 -34.22 3.41 11.93
N TYR A 262 -33.81 3.26 13.19
CA TYR A 262 -34.16 4.20 14.25
C TYR A 262 -32.96 4.44 15.15
N GLN A 263 -32.63 5.71 15.40
CA GLN A 263 -31.53 6.08 16.26
C GLN A 263 -32.03 6.40 17.66
N PHE A 264 -31.77 5.52 18.61
CA PHE A 264 -32.05 5.81 20.02
C PHE A 264 -31.06 6.87 20.52
N ASP A 265 -31.50 7.65 21.50
CA ASP A 265 -30.67 8.73 22.06
C ASP A 265 -29.41 8.19 22.74
N PHE A 266 -29.54 7.07 23.43
CA PHE A 266 -28.40 6.44 24.12
C PHE A 266 -27.38 5.75 23.20
N GLY A 267 -27.65 5.69 21.89
CA GLY A 267 -26.65 5.25 20.92
C GLY A 267 -26.98 4.03 20.06
N LEU A 268 -28.05 3.31 20.41
CA LEU A 268 -28.45 2.10 19.68
C LEU A 268 -29.18 2.45 18.39
N ARG A 269 -28.83 1.75 17.31
CA ARG A 269 -29.45 1.97 16.00
C ARG A 269 -29.84 0.63 15.34
N PRO A 270 -31.09 0.15 15.57
CA PRO A 270 -31.55 -1.07 14.92
C PRO A 270 -31.87 -0.85 13.44
N SER A 271 -31.62 -1.87 12.62
CA SER A 271 -31.81 -1.77 11.17
C SER A 271 -32.52 -3.01 10.64
N LEU A 272 -33.50 -2.78 9.77
CA LEU A 272 -34.22 -3.84 9.08
C LEU A 272 -34.23 -3.50 7.59
N ALA A 273 -33.68 -4.38 6.77
CA ALA A 273 -33.61 -4.14 5.32
C ALA A 273 -34.02 -5.35 4.51
N TYR A 274 -34.48 -5.09 3.29
CA TYR A 274 -34.84 -6.13 2.33
C TYR A 274 -34.19 -5.82 0.99
N LEU A 275 -33.31 -6.71 0.52
CA LEU A 275 -32.68 -6.54 -0.80
C LEU A 275 -33.09 -7.68 -1.72
N GLN A 276 -33.21 -7.37 -3.01
CA GLN A 276 -33.70 -8.31 -4.00
C GLN A 276 -33.23 -7.91 -5.40
N SER A 277 -32.77 -8.91 -6.15
CA SER A 277 -32.42 -8.73 -7.56
C SER A 277 -33.01 -9.88 -8.38
N LYS A 278 -33.95 -9.55 -9.27
CA LYS A 278 -34.66 -10.56 -10.08
C LYS A 278 -34.15 -10.58 -11.52
N GLY A 279 -33.49 -11.67 -11.91
CA GLY A 279 -33.06 -11.86 -13.30
C GLY A 279 -34.23 -12.30 -14.17
N LYS A 280 -34.43 -11.64 -15.29
CA LYS A 280 -35.49 -11.97 -16.23
C LYS A 280 -34.90 -12.39 -17.56
N ASN A 281 -35.42 -13.48 -18.13
CA ASN A 281 -34.97 -14.00 -19.44
C ASN A 281 -33.45 -14.05 -19.54
N LEU A 282 -32.84 -14.73 -18.58
CA LEU A 282 -31.38 -14.78 -18.46
C LEU A 282 -30.71 -15.62 -19.55
N GLY A 283 -31.51 -16.43 -20.24
CA GLY A 283 -30.98 -17.33 -21.25
C GLY A 283 -30.25 -18.49 -20.61
N ARG A 284 -29.59 -19.28 -21.44
CA ARG A 284 -28.77 -20.40 -20.95
C ARG A 284 -29.61 -21.44 -20.21
N GLY A 285 -30.91 -21.49 -20.53
CA GLY A 285 -31.82 -22.41 -19.87
C GLY A 285 -32.43 -21.93 -18.56
N TYR A 286 -31.96 -20.80 -18.03
CA TYR A 286 -32.42 -20.33 -16.72
C TYR A 286 -33.73 -19.58 -16.60
N ASP A 287 -34.07 -18.79 -17.61
CA ASP A 287 -35.26 -17.99 -17.62
C ASP A 287 -35.33 -16.91 -16.54
N ASP A 288 -36.13 -17.11 -15.50
CA ASP A 288 -36.33 -16.10 -14.46
C ASP A 288 -35.80 -16.63 -13.12
N GLU A 289 -34.70 -16.05 -12.64
CA GLU A 289 -34.07 -16.48 -11.39
C GLU A 289 -33.71 -15.30 -10.49
N ASP A 290 -33.89 -15.48 -9.19
CA ASP A 290 -33.43 -14.50 -8.20
C ASP A 290 -31.91 -14.53 -8.18
N ILE A 291 -31.31 -13.39 -8.49
CA ILE A 291 -29.86 -13.26 -8.47
C ILE A 291 -29.42 -13.00 -7.03
N LEU A 292 -30.22 -12.20 -6.33
CA LEU A 292 -30.01 -11.88 -4.92
C LEU A 292 -31.37 -11.81 -4.26
N LYS A 293 -31.44 -12.23 -2.99
CA LYS A 293 -32.67 -12.09 -2.21
C LYS A 293 -32.39 -12.41 -0.74
N TYR A 294 -32.38 -11.39 0.11
CA TYR A 294 -32.22 -11.62 1.54
C TYR A 294 -32.84 -10.51 2.37
N VAL A 295 -33.16 -10.85 3.61
CA VAL A 295 -33.62 -9.89 4.61
C VAL A 295 -32.44 -9.65 5.54
N ASP A 296 -32.24 -8.40 5.93
CA ASP A 296 -31.14 -8.05 6.84
C ASP A 296 -31.68 -7.44 8.12
N VAL A 297 -31.37 -8.08 9.25
CA VAL A 297 -31.68 -7.53 10.57
C VAL A 297 -30.38 -7.32 11.33
N GLY A 298 -30.24 -6.16 11.97
CA GLY A 298 -28.98 -5.81 12.61
C GLY A 298 -29.12 -4.64 13.56
N ALA A 299 -27.99 -4.25 14.14
CA ALA A 299 -27.94 -3.15 15.09
C ALA A 299 -26.50 -2.67 15.29
N THR A 300 -26.32 -1.36 15.27
CA THR A 300 -25.03 -0.74 15.60
C THR A 300 -25.21 0.03 16.89
N TYR A 301 -24.25 -0.10 17.81
CA TYR A 301 -24.23 0.71 19.02
C TYR A 301 -23.08 1.71 18.95
N TYR A 302 -23.41 3.01 18.90
CA TYR A 302 -22.39 4.05 18.82
C TYR A 302 -21.97 4.50 20.21
N PHE A 303 -20.75 4.15 20.59
CA PHE A 303 -20.15 4.66 21.82
C PHE A 303 -20.00 6.17 21.70
N ASN A 304 -19.45 6.60 20.56
CA ASN A 304 -19.41 8.01 20.16
C ASN A 304 -19.09 8.13 18.66
N LYS A 305 -18.75 9.34 18.21
CA LYS A 305 -18.37 9.58 16.82
C LYS A 305 -17.16 8.75 16.37
N ASN A 306 -16.30 8.37 17.32
CA ASN A 306 -15.06 7.67 17.01
C ASN A 306 -15.08 6.16 17.22
N MET A 307 -16.12 5.64 17.87
CA MET A 307 -16.16 4.21 18.22
C MET A 307 -17.57 3.62 18.18
N SER A 308 -17.67 2.39 17.68
CA SER A 308 -18.93 1.66 17.67
C SER A 308 -18.70 0.16 17.55
N THR A 309 -19.78 -0.60 17.77
CA THR A 309 -19.79 -2.03 17.53
C THR A 309 -21.16 -2.40 16.96
N TYR A 310 -21.20 -3.48 16.18
CA TYR A 310 -22.44 -3.86 15.54
C TYR A 310 -22.56 -5.35 15.27
N VAL A 311 -23.80 -5.82 15.19
CA VAL A 311 -24.12 -7.14 14.69
C VAL A 311 -25.03 -6.96 13.46
N ASP A 312 -24.81 -7.78 12.45
CA ASP A 312 -25.59 -7.71 11.23
C ASP A 312 -25.92 -9.14 10.79
N TYR A 313 -27.20 -9.44 10.60
CA TYR A 313 -27.65 -10.79 10.28
C TYR A 313 -28.31 -10.86 8.92
N LYS A 314 -27.57 -11.39 7.94
CA LYS A 314 -28.09 -11.60 6.59
C LYS A 314 -28.87 -12.90 6.55
N ILE A 315 -30.20 -12.80 6.61
CA ILE A 315 -31.06 -13.96 6.48
C ILE A 315 -31.26 -14.19 4.98
N ASN A 316 -30.58 -15.18 4.44
CA ASN A 316 -30.56 -15.42 3.00
C ASN A 316 -31.82 -16.17 2.54
N LEU A 317 -32.58 -15.55 1.64
CA LEU A 317 -33.85 -16.13 1.18
C LEU A 317 -33.73 -16.94 -0.12
N LEU A 318 -32.57 -16.90 -0.78
CA LEU A 318 -32.37 -17.68 -2.00
C LEU A 318 -32.42 -19.18 -1.70
N ASP A 319 -32.96 -19.94 -2.64
CA ASP A 319 -32.92 -21.40 -2.55
C ASP A 319 -31.63 -21.90 -3.17
N ASP A 320 -31.03 -22.91 -2.54
CA ASP A 320 -29.95 -23.67 -3.15
C ASP A 320 -30.54 -24.46 -4.31
N ASN A 321 -30.18 -24.09 -5.52
CA ASN A 321 -30.67 -24.78 -6.72
C ASN A 321 -29.62 -24.77 -7.83
N ARG A 322 -29.99 -25.25 -9.01
CA ARG A 322 -29.06 -25.37 -10.14
C ARG A 322 -28.45 -24.03 -10.54
N PHE A 323 -29.28 -23.00 -10.64
CA PHE A 323 -28.82 -21.67 -11.02
C PHE A 323 -27.81 -21.07 -10.03
N THR A 324 -28.12 -21.15 -8.74
CA THR A 324 -27.27 -20.55 -7.72
C THR A 324 -25.91 -21.27 -7.59
N ARG A 325 -25.90 -22.58 -7.78
CA ARG A 325 -24.66 -23.37 -7.75
C ARG A 325 -23.80 -23.08 -8.95
N ASP A 326 -24.43 -23.09 -10.13
CA ASP A 326 -23.75 -22.77 -11.39
C ASP A 326 -23.16 -21.37 -11.43
N ALA A 327 -23.92 -20.41 -10.92
CA ALA A 327 -23.46 -19.02 -10.83
C ALA A 327 -22.48 -18.84 -9.69
N GLY A 328 -22.53 -19.73 -8.70
CA GLY A 328 -21.65 -19.65 -7.53
C GLY A 328 -22.14 -18.59 -6.55
N ILE A 329 -23.45 -18.42 -6.48
CA ILE A 329 -24.06 -17.43 -5.61
C ILE A 329 -24.30 -18.04 -4.24
N ASN A 330 -23.86 -17.34 -3.19
CA ASN A 330 -24.11 -17.75 -1.82
C ASN A 330 -25.60 -17.73 -1.52
N THR A 331 -26.10 -18.82 -0.93
CA THR A 331 -27.49 -18.87 -0.46
C THR A 331 -27.56 -19.11 1.06
N ASP A 332 -26.42 -19.09 1.74
CA ASP A 332 -26.38 -19.30 3.19
C ASP A 332 -26.46 -17.99 3.95
N ASP A 333 -26.90 -18.07 5.20
CA ASP A 333 -26.93 -16.93 6.11
C ASP A 333 -25.51 -16.49 6.46
N ILE A 334 -25.37 -15.20 6.78
CA ILE A 334 -24.14 -14.68 7.37
C ILE A 334 -24.50 -13.75 8.53
N VAL A 335 -23.87 -13.98 9.68
CA VAL A 335 -23.93 -13.04 10.80
C VAL A 335 -22.58 -12.33 10.90
N ALA A 336 -22.61 -11.01 10.96
CA ALA A 336 -21.39 -10.22 11.06
C ALA A 336 -21.29 -9.61 12.45
N LEU A 337 -20.13 -9.74 13.08
CA LEU A 337 -19.85 -9.12 14.37
C LEU A 337 -18.62 -8.24 14.21
N GLY A 338 -18.78 -6.94 14.47
CA GLY A 338 -17.72 -5.97 14.20
C GLY A 338 -17.45 -5.00 15.35
N LEU A 339 -16.17 -4.65 15.51
CA LEU A 339 -15.75 -3.59 16.43
C LEU A 339 -14.96 -2.56 15.63
N VAL A 340 -15.35 -1.30 15.72
CA VAL A 340 -14.87 -0.27 14.80
C VAL A 340 -14.37 0.99 15.51
N TYR A 341 -13.09 1.31 15.28
CA TYR A 341 -12.52 2.60 15.65
C TYR A 341 -12.34 3.42 14.37
N GLN A 342 -12.71 4.70 14.39
CA GLN A 342 -12.53 5.58 13.24
C GLN A 342 -12.17 6.99 13.69
N PHE A 343 -11.52 7.75 12.80
CA PHE A 343 -11.08 9.11 13.09
C PHE A 343 -11.26 10.04 11.88
N ALA B 1 4.27 10.10 16.03
CA ALA B 1 4.03 11.50 16.50
C ALA B 1 2.53 11.76 16.64
N GLU B 2 2.15 12.43 17.73
CA GLU B 2 0.76 12.82 17.95
C GLU B 2 0.43 14.00 17.03
N ILE B 3 -0.33 13.73 15.98
CA ILE B 3 -0.68 14.75 14.98
C ILE B 3 -2.11 15.25 15.13
N TYR B 4 -2.82 14.73 16.14
CA TYR B 4 -4.20 15.11 16.38
C TYR B 4 -4.62 14.73 17.80
N ASN B 5 -5.30 15.66 18.47
CA ASN B 5 -5.73 15.50 19.84
C ASN B 5 -6.77 16.57 20.08
N LYS B 6 -8.04 16.17 20.10
CA LYS B 6 -9.15 17.14 20.04
C LYS B 6 -10.45 16.48 20.45
N ASP B 7 -11.25 17.22 21.23
CA ASP B 7 -12.60 16.79 21.60
C ASP B 7 -12.71 15.30 21.91
N GLY B 8 -11.78 14.80 22.75
CA GLY B 8 -11.85 13.43 23.25
C GLY B 8 -11.18 12.33 22.44
N ASN B 9 -10.66 12.66 21.25
CA ASN B 9 -9.93 11.67 20.44
C ASN B 9 -8.52 12.16 20.13
N LYS B 10 -7.55 11.25 20.20
CA LYS B 10 -6.19 11.56 19.76
C LYS B 10 -5.67 10.50 18.80
N LEU B 11 -4.72 10.91 17.96
CA LEU B 11 -4.19 10.03 16.91
C LEU B 11 -2.69 10.22 16.80
N ASP B 12 -1.96 9.13 17.03
CA ASP B 12 -0.51 9.08 16.87
C ASP B 12 -0.22 8.46 15.52
N LEU B 13 0.31 9.25 14.60
CA LEU B 13 0.81 8.74 13.33
C LEU B 13 2.30 8.54 13.53
N TYR B 14 2.76 7.31 13.36
CA TYR B 14 4.16 6.97 13.59
C TYR B 14 4.72 6.15 12.44
N GLY B 15 6.04 5.99 12.44
CA GLY B 15 6.71 5.24 11.39
C GLY B 15 8.21 5.35 11.46
N LYS B 16 8.88 4.67 10.54
CA LYS B 16 10.32 4.82 10.39
C LYS B 16 10.81 4.39 9.02
N VAL B 17 12.00 4.88 8.68
CA VAL B 17 12.74 4.43 7.51
C VAL B 17 14.06 3.84 8.00
N ASP B 18 14.27 2.56 7.72
CA ASP B 18 15.53 1.90 8.05
C ASP B 18 16.29 1.69 6.75
N GLY B 19 17.32 2.52 6.54
CA GLY B 19 18.32 2.27 5.51
C GLY B 19 19.22 1.15 6.02
N LEU B 20 19.10 -0.01 5.40
CA LEU B 20 19.59 -1.25 5.96
C LEU B 20 20.33 -2.06 4.90
N HIS B 21 21.48 -2.62 5.27
CA HIS B 21 22.24 -3.47 4.36
C HIS B 21 22.77 -4.69 5.09
N TYR B 22 22.64 -5.85 4.45
CA TYR B 22 23.10 -7.13 5.00
C TYR B 22 24.37 -7.56 4.26
N PHE B 23 25.37 -8.03 4.99
CA PHE B 23 26.57 -8.62 4.41
C PHE B 23 26.65 -10.08 4.83
N SER B 24 26.58 -11.00 3.87
CA SER B 24 26.62 -12.44 4.18
C SER B 24 27.17 -13.27 3.04
N ASP B 25 27.82 -14.39 3.37
CA ASP B 25 28.31 -15.33 2.37
C ASP B 25 27.13 -16.03 1.67
N ASN B 26 26.01 -16.15 2.39
CA ASN B 26 24.76 -16.61 1.77
C ASN B 26 24.18 -15.49 0.89
N ASP B 27 24.18 -15.71 -0.43
CA ASP B 27 23.71 -14.71 -1.40
C ASP B 27 22.28 -14.26 -1.16
N SER B 28 21.44 -15.16 -0.65
CA SER B 28 20.05 -14.86 -0.33
C SER B 28 19.89 -13.96 0.90
N LYS B 29 20.96 -13.81 1.68
CA LYS B 29 20.96 -12.93 2.85
C LYS B 29 21.93 -11.79 2.68
N ASP B 30 22.31 -11.47 1.44
CA ASP B 30 23.29 -10.42 1.19
C ASP B 30 22.72 -9.32 0.30
N GLY B 31 22.84 -8.08 0.75
CA GLY B 31 22.44 -6.93 -0.05
C GLY B 31 21.51 -5.96 0.67
N ASP B 32 20.93 -5.06 -0.11
CA ASP B 32 20.06 -4.01 0.40
C ASP B 32 18.81 -4.60 1.05
N LYS B 33 18.53 -4.20 2.29
CA LYS B 33 17.34 -4.62 3.02
C LYS B 33 16.51 -3.43 3.51
N THR B 34 16.72 -2.27 2.90
CA THR B 34 15.99 -1.05 3.26
C THR B 34 14.47 -1.28 3.30
N TYR B 35 13.83 -0.72 4.32
CA TYR B 35 12.39 -0.81 4.46
C TYR B 35 11.85 0.31 5.32
N MET B 36 10.54 0.47 5.31
CA MET B 36 9.88 1.42 6.18
C MET B 36 8.66 0.79 6.85
N ARG B 37 8.28 1.37 7.98
CA ARG B 37 7.04 1.02 8.63
C ARG B 37 6.21 2.28 8.85
N LEU B 38 4.90 2.13 8.78
CA LEU B 38 3.98 3.23 8.95
C LEU B 38 2.81 2.74 9.78
N GLY B 39 2.33 3.55 10.71
CA GLY B 39 1.19 3.17 11.51
C GLY B 39 0.50 4.32 12.18
N PHE B 40 -0.69 4.05 12.71
CA PHE B 40 -1.38 5.00 13.57
C PHE B 40 -1.93 4.30 14.81
N LYS B 41 -1.92 5.03 15.92
CA LYS B 41 -2.53 4.60 17.17
C LYS B 41 -3.59 5.62 17.49
N GLY B 42 -4.85 5.21 17.42
CA GLY B 42 -5.98 6.08 17.71
C GLY B 42 -6.63 5.68 19.01
N GLU B 43 -7.11 6.67 19.75
CA GLU B 43 -7.69 6.45 21.09
C GLU B 43 -8.72 7.52 21.39
N THR B 44 -9.91 7.09 21.80
CA THR B 44 -11.03 8.02 22.08
C THR B 44 -11.62 7.81 23.48
N GLN B 45 -11.77 8.91 24.22
CA GLN B 45 -12.39 8.86 25.54
C GLN B 45 -13.91 8.86 25.40
N VAL B 46 -14.51 7.69 25.63
CA VAL B 46 -15.96 7.56 25.63
C VAL B 46 -16.51 8.12 26.93
N THR B 47 -16.01 7.62 28.06
CA THR B 47 -16.36 8.14 29.39
C THR B 47 -15.11 8.36 30.24
N ASP B 48 -15.32 8.65 31.53
CA ASP B 48 -14.24 8.79 32.52
C ASP B 48 -13.36 7.56 32.60
N GLN B 49 -13.97 6.38 32.45
CA GLN B 49 -13.28 5.12 32.65
C GLN B 49 -13.25 4.21 31.41
N LEU B 50 -13.99 4.56 30.35
CA LEU B 50 -14.07 3.74 29.13
C LEU B 50 -13.43 4.45 27.94
N THR B 51 -12.46 3.79 27.31
CA THR B 51 -11.85 4.32 26.09
C THR B 51 -11.85 3.30 24.96
N GLY B 52 -12.14 3.78 23.76
CA GLY B 52 -12.07 2.97 22.55
C GLY B 52 -10.76 3.25 21.85
N TYR B 53 -10.21 2.24 21.18
CA TYR B 53 -8.93 2.42 20.50
C TYR B 53 -8.82 1.57 19.26
N GLY B 54 -7.90 1.98 18.38
CA GLY B 54 -7.63 1.28 17.13
C GLY B 54 -6.17 1.44 16.77
N GLN B 55 -5.56 0.38 16.26
CA GLN B 55 -4.17 0.44 15.88
C GLN B 55 -3.94 -0.31 14.57
N TRP B 56 -3.00 0.20 13.80
CA TRP B 56 -2.70 -0.33 12.47
C TRP B 56 -1.24 -0.04 12.20
N GLU B 57 -0.52 -1.07 11.74
CA GLU B 57 0.89 -0.92 11.43
C GLU B 57 1.20 -1.71 10.15
N TYR B 58 2.06 -1.13 9.32
CA TYR B 58 2.23 -1.56 7.94
C TYR B 58 3.71 -1.49 7.59
N GLN B 59 4.25 -2.56 7.00
CA GLN B 59 5.63 -2.54 6.51
C GLN B 59 5.66 -2.44 4.99
N ILE B 60 6.48 -1.52 4.49
CA ILE B 60 6.66 -1.33 3.06
C ILE B 60 8.13 -1.48 2.77
N GLN B 61 8.47 -2.45 1.94
CA GLN B 61 9.87 -2.72 1.63
C GLN B 61 10.42 -1.61 0.75
N GLY B 62 11.68 -1.26 0.99
CA GLY B 62 12.35 -0.19 0.25
C GLY B 62 13.56 -0.67 -0.53
N ASN B 63 13.68 -1.98 -0.72
CA ASN B 63 14.84 -2.57 -1.40
C ASN B 63 14.49 -3.23 -2.74
N GLU B 64 13.29 -2.95 -3.24
CA GLU B 64 12.76 -3.58 -4.44
C GLU B 64 12.57 -2.54 -5.54
N PRO B 65 12.52 -2.98 -6.80
CA PRO B 65 12.26 -2.02 -7.88
C PRO B 65 10.77 -1.70 -7.95
N GLU B 66 10.42 -0.71 -8.75
CA GLU B 66 9.05 -0.19 -8.78
C GLU B 66 8.06 -1.06 -9.54
N SER B 67 8.53 -2.09 -10.24
CA SER B 67 7.64 -3.01 -10.95
C SER B 67 6.98 -4.05 -10.05
N ASP B 68 7.49 -4.20 -8.82
CA ASP B 68 7.09 -5.29 -7.94
C ASP B 68 7.50 -4.98 -6.49
N ASN B 69 6.73 -4.10 -5.83
CA ASN B 69 7.04 -3.68 -4.47
C ASN B 69 6.14 -4.38 -3.45
N SER B 70 6.75 -4.98 -2.43
CA SER B 70 6.06 -5.82 -1.44
C SER B 70 5.77 -5.07 -0.14
N SER B 71 4.56 -5.28 0.39
CA SER B 71 4.13 -4.65 1.63
C SER B 71 3.07 -5.50 2.35
N TRP B 72 2.88 -5.25 3.65
CA TRP B 72 1.92 -6.03 4.43
C TRP B 72 1.53 -5.34 5.76
N THR B 73 0.36 -5.71 6.25
CA THR B 73 -0.12 -5.27 7.56
C THR B 73 0.48 -6.15 8.67
N ARG B 74 1.14 -5.51 9.63
CA ARG B 74 1.67 -6.20 10.80
C ARG B 74 0.55 -6.43 11.81
N VAL B 75 -0.11 -5.35 12.21
CA VAL B 75 -1.26 -5.43 13.10
C VAL B 75 -2.38 -4.50 12.62
N ALA B 76 -3.61 -4.86 12.97
CA ALA B 76 -4.79 -4.08 12.66
C ALA B 76 -5.92 -4.54 13.57
N PHE B 77 -6.24 -3.75 14.60
CA PHE B 77 -7.21 -4.16 15.61
C PHE B 77 -7.92 -2.98 16.26
N ALA B 78 -9.14 -3.23 16.73
CA ALA B 78 -9.93 -2.28 17.50
C ALA B 78 -10.22 -2.87 18.88
N GLY B 79 -10.54 -2.03 19.85
CA GLY B 79 -10.83 -2.50 21.20
C GLY B 79 -11.39 -1.48 22.17
N LEU B 80 -11.71 -1.97 23.37
CA LEU B 80 -12.30 -1.19 24.44
C LEU B 80 -11.52 -1.44 25.73
N LYS B 81 -11.34 -0.40 26.53
CA LYS B 81 -10.55 -0.47 27.76
C LYS B 81 -11.33 0.17 28.90
N PHE B 82 -11.65 -0.61 29.94
CA PHE B 82 -12.31 -0.07 31.13
C PHE B 82 -11.33 -0.03 32.30
N GLN B 83 -11.22 1.14 32.93
CA GLN B 83 -10.25 1.37 34.01
C GLN B 83 -10.49 0.40 35.18
N ASP B 84 -9.42 -0.27 35.61
CA ASP B 84 -9.46 -1.21 36.74
C ASP B 84 -10.42 -2.39 36.52
N VAL B 85 -10.63 -2.74 35.25
CA VAL B 85 -11.38 -3.93 34.88
C VAL B 85 -10.58 -4.69 33.84
N GLY B 86 -10.32 -4.05 32.70
CA GLY B 86 -9.48 -4.63 31.66
C GLY B 86 -9.75 -4.10 30.27
N SER B 87 -9.21 -4.79 29.27
CA SER B 87 -9.44 -4.45 27.87
C SER B 87 -9.94 -5.63 27.07
N PHE B 88 -10.59 -5.35 25.94
CA PHE B 88 -10.84 -6.35 24.91
C PHE B 88 -10.48 -5.78 23.55
N ASP B 89 -9.63 -6.49 22.79
CA ASP B 89 -9.44 -6.13 21.38
C ASP B 89 -9.50 -7.33 20.44
N TYR B 90 -9.78 -7.04 19.18
CA TYR B 90 -9.90 -8.07 18.14
C TYR B 90 -9.32 -7.59 16.82
N GLY B 91 -8.68 -8.52 16.11
CA GLY B 91 -8.11 -8.26 14.79
C GLY B 91 -6.80 -9.00 14.61
N ARG B 92 -6.01 -8.55 13.63
CA ARG B 92 -4.63 -8.99 13.51
C ARG B 92 -3.83 -8.33 14.62
N ASN B 93 -3.23 -9.14 15.47
CA ASN B 93 -2.51 -8.65 16.64
C ASN B 93 -1.45 -9.67 17.02
N TYR B 94 -0.73 -9.42 18.12
CA TYR B 94 0.27 -10.36 18.61
C TYR B 94 -0.37 -11.41 19.50
N GLY B 95 0.09 -12.65 19.37
CA GLY B 95 -0.32 -13.74 20.26
C GLY B 95 0.24 -13.53 21.66
N VAL B 96 -0.47 -14.06 22.65
CA VAL B 96 -0.13 -13.84 24.06
C VAL B 96 1.16 -14.52 24.50
N VAL B 97 1.63 -15.50 23.71
CA VAL B 97 2.93 -16.10 23.97
C VAL B 97 3.99 -15.02 23.94
N TYR B 98 3.80 -14.06 23.04
CA TYR B 98 4.72 -12.94 22.83
C TYR B 98 4.76 -11.95 24.00
N ASP B 99 3.74 -11.98 24.87
CA ASP B 99 3.76 -11.19 26.09
C ASP B 99 5.01 -11.46 26.92
N VAL B 100 5.56 -12.67 26.78
CA VAL B 100 6.78 -13.07 27.48
C VAL B 100 8.01 -13.15 26.56
N THR B 101 7.84 -13.69 25.36
CA THR B 101 8.98 -13.89 24.46
C THR B 101 9.49 -12.60 23.84
N SER B 102 8.65 -11.56 23.84
CA SER B 102 9.07 -10.21 23.40
C SER B 102 10.23 -9.67 24.24
N TRP B 103 10.34 -10.15 25.48
CA TRP B 103 11.38 -9.68 26.41
C TRP B 103 12.80 -9.88 25.88
N THR B 104 13.02 -10.91 25.06
CA THR B 104 14.32 -11.14 24.44
C THR B 104 14.37 -10.62 23.00
N ASP B 105 13.23 -10.20 22.45
CA ASP B 105 13.17 -9.69 21.08
C ASP B 105 13.49 -8.20 21.05
N VAL B 106 14.73 -7.89 21.37
CA VAL B 106 15.19 -6.52 21.52
C VAL B 106 16.57 -6.27 20.88
N LEU B 107 16.98 -7.14 19.95
CA LEU B 107 18.27 -6.99 19.31
C LEU B 107 18.17 -5.88 18.25
N PRO B 108 19.31 -5.29 17.86
CA PRO B 108 19.32 -4.20 16.88
C PRO B 108 18.66 -4.58 15.55
N GLU B 109 18.96 -5.76 15.03
CA GLU B 109 18.38 -6.21 13.76
C GLU B 109 17.80 -7.62 13.82
N PHE B 110 18.58 -8.58 14.35
CA PHE B 110 18.21 -9.99 14.35
C PHE B 110 17.42 -10.34 15.61
N GLY B 111 17.44 -11.61 16.03
CA GLY B 111 16.69 -12.03 17.21
C GLY B 111 15.23 -12.33 16.93
N GLY B 112 14.53 -12.81 17.95
CA GLY B 112 13.08 -13.02 17.87
C GLY B 112 12.62 -13.99 16.79
N ASP B 113 13.44 -14.98 16.48
CA ASP B 113 13.17 -15.89 15.36
C ASP B 113 13.31 -17.37 15.71
N THR B 114 13.03 -17.73 16.96
CA THR B 114 12.71 -19.11 17.33
C THR B 114 11.19 -19.37 17.11
N TYR B 115 10.57 -18.51 16.31
CA TYR B 115 9.16 -18.56 15.97
C TYR B 115 8.96 -17.57 14.83
N ASP B 116 7.80 -17.61 14.19
CA ASP B 116 7.54 -16.77 13.02
C ASP B 116 6.26 -15.96 13.20
N SER B 117 5.99 -15.12 12.21
CA SER B 117 4.69 -14.50 12.06
C SER B 117 3.71 -15.54 11.50
N ASP B 118 2.42 -15.36 11.81
CA ASP B 118 1.38 -16.28 11.40
C ASP B 118 1.75 -17.72 11.74
N ASN B 119 2.27 -17.90 12.95
CA ASN B 119 2.78 -19.15 13.42
C ASN B 119 2.05 -19.49 14.71
N PHE B 120 0.81 -19.95 14.57
CA PHE B 120 -0.09 -20.17 15.70
C PHE B 120 -0.10 -18.94 16.60
N MET B 121 -0.19 -19.10 17.92
CA MET B 121 -0.36 -17.94 18.81
C MET B 121 0.98 -17.42 19.38
N GLN B 122 2.05 -17.57 18.60
CA GLN B 122 3.41 -17.27 19.06
C GLN B 122 3.86 -15.85 18.74
N GLN B 123 3.38 -15.31 17.62
CA GLN B 123 3.66 -13.93 17.27
C GLN B 123 2.44 -13.30 16.62
N ARG B 124 2.67 -12.34 15.71
CA ARG B 124 1.60 -11.73 14.93
C ARG B 124 0.80 -12.80 14.20
N GLY B 125 -0.51 -12.62 14.13
CA GLY B 125 -1.37 -13.53 13.39
C GLY B 125 -2.77 -12.97 13.27
N ASN B 126 -3.59 -13.59 12.43
CA ASN B 126 -4.95 -13.12 12.15
C ASN B 126 -5.98 -13.56 13.20
N GLY B 127 -6.97 -12.68 13.43
CA GLY B 127 -8.17 -13.04 14.18
C GLY B 127 -8.01 -13.37 15.67
N PHE B 128 -7.11 -12.68 16.36
CA PHE B 128 -7.01 -12.82 17.82
C PHE B 128 -8.12 -12.05 18.53
N ALA B 129 -8.81 -12.70 19.46
CA ALA B 129 -9.70 -12.02 20.40
C ALA B 129 -9.01 -12.07 21.76
N THR B 130 -8.56 -10.91 22.25
CA THR B 130 -7.68 -10.86 23.41
C THR B 130 -8.26 -10.07 24.58
N TYR B 131 -8.46 -10.75 25.70
CA TYR B 131 -8.91 -10.14 26.94
C TYR B 131 -7.71 -9.93 27.85
N ARG B 132 -7.53 -8.71 28.35
CA ARG B 132 -6.40 -8.38 29.21
C ARG B 132 -6.83 -7.71 30.50
N ASN B 133 -6.19 -8.11 31.60
CA ASN B 133 -6.42 -7.52 32.92
C ASN B 133 -5.10 -6.92 33.40
N THR B 134 -5.12 -5.64 33.73
CA THR B 134 -3.91 -4.91 34.05
C THR B 134 -3.91 -4.53 35.53
N ASP B 135 -2.85 -4.94 36.23
CA ASP B 135 -2.68 -4.70 37.67
C ASP B 135 -3.81 -5.33 38.50
N PHE B 136 -4.29 -6.51 38.08
CA PHE B 136 -5.33 -7.26 38.79
C PHE B 136 -6.44 -6.38 39.37
N PHE B 137 -7.23 -5.76 38.50
CA PHE B 137 -8.33 -4.87 38.90
C PHE B 137 -7.84 -3.66 39.69
N GLY B 138 -6.59 -3.25 39.46
CA GLY B 138 -5.98 -2.14 40.19
C GLY B 138 -5.66 -2.44 41.63
N LEU B 139 -5.62 -3.73 42.01
CA LEU B 139 -5.32 -4.15 43.37
C LEU B 139 -3.88 -4.63 43.57
N VAL B 140 -3.23 -5.08 42.50
CA VAL B 140 -1.85 -5.55 42.56
C VAL B 140 -1.05 -4.93 41.42
N ASP B 141 -0.41 -3.79 41.68
CA ASP B 141 0.38 -3.09 40.67
C ASP B 141 1.45 -4.03 40.14
N GLY B 142 1.49 -4.22 38.82
CA GLY B 142 2.51 -5.05 38.18
C GLY B 142 2.05 -6.42 37.72
N LEU B 143 0.94 -6.92 38.27
CA LEU B 143 0.42 -8.25 37.92
C LEU B 143 -0.55 -8.15 36.77
N ASP B 144 -0.17 -8.69 35.61
CA ASP B 144 -1.01 -8.67 34.41
C ASP B 144 -1.34 -10.08 33.96
N PHE B 145 -2.54 -10.28 33.43
CA PHE B 145 -2.85 -11.53 32.75
C PHE B 145 -3.73 -11.34 31.54
N ALA B 146 -3.70 -12.32 30.64
CA ALA B 146 -4.44 -12.27 29.40
C ALA B 146 -4.96 -13.64 29.06
N VAL B 147 -6.19 -13.69 28.55
CA VAL B 147 -6.74 -14.88 27.88
C VAL B 147 -6.99 -14.50 26.41
N GLN B 148 -6.69 -15.43 25.52
CA GLN B 148 -6.71 -15.14 24.10
C GLN B 148 -7.29 -16.30 23.31
N TYR B 149 -8.16 -15.99 22.34
CA TYR B 149 -8.73 -16.96 21.43
C TYR B 149 -8.31 -16.56 20.01
N GLN B 150 -7.86 -17.53 19.23
CA GLN B 150 -7.62 -17.32 17.80
C GLN B 150 -8.56 -18.21 17.03
N GLY B 151 -9.37 -17.59 16.20
CA GLY B 151 -10.25 -18.33 15.31
C GLY B 151 -9.47 -19.00 14.18
N LYS B 152 -10.06 -20.07 13.65
CA LYS B 152 -9.48 -20.82 12.53
C LYS B 152 -9.16 -19.90 11.35
N ASN B 153 -7.89 -19.94 10.92
CA ASN B 153 -7.46 -19.34 9.66
C ASN B 153 -7.06 -20.48 8.73
N GLY B 154 -7.99 -20.84 7.85
CA GLY B 154 -7.90 -22.10 7.11
C GLY B 154 -7.29 -21.99 5.73
N SER B 155 -7.65 -22.95 4.88
CA SER B 155 -7.16 -23.00 3.51
C SER B 155 -7.95 -22.07 2.62
N ALA B 156 -7.44 -21.83 1.41
CA ALA B 156 -8.12 -20.96 0.44
C ALA B 156 -8.99 -21.75 -0.54
N HIS B 157 -9.01 -23.08 -0.39
CA HIS B 157 -9.79 -23.95 -1.28
C HIS B 157 -10.12 -25.27 -0.59
N GLY B 158 -11.22 -25.89 -1.00
CA GLY B 158 -11.57 -27.25 -0.59
C GLY B 158 -12.02 -27.37 0.86
N GLU B 159 -11.60 -28.45 1.51
CA GLU B 159 -11.94 -28.71 2.90
C GLU B 159 -11.20 -27.74 3.83
N GLY B 160 -11.84 -27.40 4.94
CA GLY B 160 -11.24 -26.54 5.96
C GLY B 160 -10.98 -25.12 5.47
N MET B 161 -11.85 -24.63 4.61
CA MET B 161 -11.70 -23.31 4.00
C MET B 161 -12.26 -22.22 4.90
N THR B 162 -11.58 -21.08 4.95
CA THR B 162 -12.13 -19.88 5.56
C THR B 162 -12.17 -18.76 4.53
N THR B 163 -12.95 -17.72 4.84
CA THR B 163 -13.11 -16.58 3.95
C THR B 163 -11.77 -15.87 3.73
N ASN B 164 -10.93 -15.85 4.75
CA ASN B 164 -9.57 -15.35 4.65
C ASN B 164 -8.55 -16.48 4.49
N GLY B 165 -8.95 -17.54 3.81
CA GLY B 165 -8.11 -18.72 3.65
C GLY B 165 -6.76 -18.46 3.01
N ARG B 166 -5.84 -19.39 3.20
CA ARG B 166 -4.45 -19.27 2.75
C ARG B 166 -3.90 -20.65 2.42
N ASP B 167 -3.26 -20.78 1.26
CA ASP B 167 -2.80 -22.09 0.78
C ASP B 167 -1.46 -22.53 1.38
N ASP B 168 -0.70 -21.59 1.93
CA ASP B 168 0.52 -21.90 2.67
C ASP B 168 0.15 -22.47 4.05
N VAL B 169 0.42 -23.76 4.25
CA VAL B 169 0.05 -24.45 5.49
C VAL B 169 0.78 -23.93 6.72
N PHE B 170 1.96 -23.37 6.54
CA PHE B 170 2.72 -22.78 7.65
C PHE B 170 2.05 -21.53 8.24
N GLU B 171 1.12 -20.94 7.50
CA GLU B 171 0.41 -19.73 7.92
C GLU B 171 -1.04 -19.99 8.34
N GLN B 172 -1.51 -21.23 8.20
CA GLN B 172 -2.82 -21.65 8.68
C GLN B 172 -2.84 -21.92 10.19
N ASN B 173 -4.05 -22.02 10.73
CA ASN B 173 -4.26 -22.51 12.10
C ASN B 173 -5.73 -22.90 12.30
N GLY B 174 -5.96 -23.77 13.27
CA GLY B 174 -7.32 -24.05 13.76
C GLY B 174 -7.62 -23.16 14.94
N ASP B 175 -8.77 -23.39 15.59
CA ASP B 175 -9.12 -22.68 16.81
C ASP B 175 -8.04 -22.92 17.87
N GLY B 176 -7.61 -21.84 18.51
CA GLY B 176 -6.61 -21.92 19.56
C GLY B 176 -6.94 -21.07 20.77
N VAL B 177 -6.41 -21.49 21.92
CA VAL B 177 -6.63 -20.78 23.17
C VAL B 177 -5.27 -20.60 23.85
N GLY B 178 -5.06 -19.43 24.44
CA GLY B 178 -3.80 -19.10 25.09
C GLY B 178 -3.98 -18.18 26.27
N GLY B 179 -3.02 -18.23 27.19
CA GLY B 179 -3.03 -17.37 28.37
C GLY B 179 -1.63 -16.92 28.71
N SER B 180 -1.53 -15.78 29.38
CA SER B 180 -0.25 -15.30 29.86
C SER B 180 -0.44 -14.63 31.22
N ILE B 181 0.55 -14.79 32.09
CA ILE B 181 0.64 -14.05 33.33
C ILE B 181 2.04 -13.45 33.42
N THR B 182 2.13 -12.20 33.87
CA THR B 182 3.42 -11.56 34.08
C THR B 182 3.38 -10.72 35.36
N TYR B 183 4.55 -10.56 36.00
CA TYR B 183 4.70 -9.68 37.15
C TYR B 183 5.98 -8.89 37.04
N ASN B 184 5.86 -7.57 37.06
CA ASN B 184 6.99 -6.66 37.07
C ASN B 184 7.03 -5.86 38.36
N TYR B 185 8.23 -5.69 38.93
CA TYR B 185 8.41 -4.94 40.17
C TYR B 185 9.82 -4.34 40.25
N GLU B 186 9.88 -3.00 40.29
CA GLU B 186 11.14 -2.27 40.38
C GLU B 186 12.22 -2.76 39.40
N GLY B 187 11.82 -2.99 38.15
CA GLY B 187 12.76 -3.41 37.10
C GLY B 187 12.84 -4.91 36.88
N PHE B 188 12.46 -5.70 37.89
CA PHE B 188 12.49 -7.15 37.77
C PHE B 188 11.19 -7.67 37.13
N GLY B 189 11.33 -8.52 36.12
CA GLY B 189 10.19 -9.08 35.43
C GLY B 189 10.20 -10.60 35.47
N ILE B 190 9.02 -11.19 35.64
CA ILE B 190 8.87 -12.64 35.58
C ILE B 190 7.52 -12.97 34.96
N GLY B 191 7.51 -13.94 34.05
CA GLY B 191 6.30 -14.28 33.32
C GLY B 191 6.21 -15.70 32.79
N ALA B 192 4.98 -16.17 32.64
CA ALA B 192 4.70 -17.45 32.00
C ALA B 192 3.59 -17.28 30.96
N ALA B 193 3.65 -18.11 29.91
CA ALA B 193 2.62 -18.12 28.88
C ALA B 193 2.39 -19.55 28.39
N VAL B 194 1.16 -19.82 27.98
CA VAL B 194 0.77 -21.12 27.47
C VAL B 194 -0.18 -20.90 26.31
N SER B 195 -0.03 -21.70 25.25
CA SER B 195 -0.94 -21.65 24.12
C SER B 195 -1.23 -23.04 23.62
N SER B 196 -2.45 -23.22 23.12
CA SER B 196 -2.91 -24.50 22.61
C SER B 196 -3.77 -24.24 21.38
N SER B 197 -3.25 -24.58 20.20
CA SER B 197 -3.95 -24.38 18.94
C SER B 197 -4.25 -25.71 18.26
N LYS B 198 -5.39 -25.79 17.60
CA LYS B 198 -5.72 -26.93 16.75
C LYS B 198 -5.00 -26.74 15.41
N ARG B 199 -4.45 -27.83 14.89
CA ARG B 199 -3.81 -27.81 13.58
C ARG B 199 -4.82 -28.22 12.52
N THR B 200 -4.81 -27.52 11.38
CA THR B 200 -5.82 -27.74 10.34
C THR B 200 -5.54 -29.03 9.59
N TRP B 201 -6.48 -29.45 8.76
CA TRP B 201 -6.34 -30.70 8.01
C TRP B 201 -5.18 -30.67 7.02
N ASP B 202 -5.04 -29.56 6.30
CA ASP B 202 -3.96 -29.39 5.32
C ASP B 202 -2.55 -29.52 5.92
N GLN B 203 -2.36 -28.99 7.13
CA GLN B 203 -1.02 -29.03 7.75
C GLN B 203 -0.64 -30.42 8.25
N ASN B 204 -1.63 -31.31 8.42
CA ASN B 204 -1.39 -32.69 8.83
C ASN B 204 -1.48 -33.71 7.67
N ASN B 205 -1.91 -33.27 6.49
CA ASN B 205 -2.10 -34.16 5.35
C ASN B 205 -1.46 -33.65 4.06
N THR B 206 -0.24 -33.13 4.17
CA THR B 206 0.54 -32.71 3.01
C THR B 206 1.99 -33.25 3.03
N GLY B 207 2.24 -34.27 3.85
CA GLY B 207 3.52 -34.99 3.85
C GLY B 207 4.64 -34.37 4.68
N LEU B 208 4.34 -33.31 5.42
CA LEU B 208 5.35 -32.61 6.21
C LEU B 208 5.62 -33.34 7.53
N ILE B 209 6.70 -32.93 8.21
CA ILE B 209 7.02 -33.48 9.53
C ILE B 209 6.36 -32.64 10.61
N GLY B 210 6.25 -33.19 11.81
CA GLY B 210 5.67 -32.48 12.93
C GLY B 210 4.16 -32.38 12.83
N THR B 211 3.53 -33.39 12.22
CA THR B 211 2.08 -33.45 12.17
C THR B 211 1.55 -33.94 13.50
N GLY B 212 0.29 -33.60 13.76
CA GLY B 212 -0.35 -33.92 15.03
C GLY B 212 -1.62 -33.12 15.19
N ASP B 213 -2.40 -33.46 16.20
CA ASP B 213 -3.72 -32.85 16.41
C ASP B 213 -3.63 -31.37 16.79
N ARG B 214 -2.76 -31.05 17.74
CA ARG B 214 -2.67 -29.69 18.26
C ARG B 214 -1.24 -29.16 18.27
N ALA B 215 -1.14 -27.83 18.17
CA ALA B 215 0.12 -27.12 18.36
C ALA B 215 0.11 -26.53 19.77
N GLU B 216 1.22 -26.63 20.48
CA GLU B 216 1.29 -26.25 21.88
C GLU B 216 2.63 -25.58 22.22
N THR B 217 2.57 -24.52 23.02
CA THR B 217 3.75 -23.81 23.49
C THR B 217 3.64 -23.58 24.99
N TYR B 218 4.75 -23.79 25.71
CA TYR B 218 4.82 -23.49 27.13
C TYR B 218 6.06 -22.60 27.35
N THR B 219 5.85 -21.38 27.83
CA THR B 219 6.91 -20.38 27.91
C THR B 219 7.08 -19.84 29.32
N GLY B 220 8.34 -19.73 29.74
CA GLY B 220 8.73 -19.06 30.98
C GLY B 220 9.74 -17.98 30.63
N GLY B 221 9.77 -16.92 31.43
CA GLY B 221 10.63 -15.77 31.12
C GLY B 221 10.98 -14.94 32.32
N LEU B 222 12.20 -14.39 32.32
CA LEU B 222 12.71 -13.54 33.38
C LEU B 222 13.41 -12.36 32.73
N LYS B 223 13.35 -11.20 33.37
CA LYS B 223 14.07 -10.03 32.89
C LYS B 223 14.39 -9.03 33.99
N TYR B 224 15.38 -8.19 33.70
CA TYR B 224 15.74 -7.07 34.54
C TYR B 224 15.90 -5.84 33.64
N ASP B 225 15.21 -4.76 33.99
CA ASP B 225 15.15 -3.57 33.15
C ASP B 225 15.19 -2.34 34.07
N ALA B 226 16.40 -1.94 34.45
CA ALA B 226 16.59 -0.81 35.34
C ALA B 226 18.06 -0.42 35.40
N ASN B 227 18.32 0.84 35.77
CA ASN B 227 19.67 1.38 35.92
C ASN B 227 20.53 1.21 34.65
N ASN B 228 19.90 1.43 33.50
CA ASN B 228 20.56 1.37 32.19
C ASN B 228 21.01 -0.04 31.74
N ILE B 229 20.62 -1.05 32.51
CA ILE B 229 21.00 -2.44 32.25
C ILE B 229 19.76 -3.20 31.79
N TYR B 230 19.91 -3.98 30.72
CA TYR B 230 18.83 -4.86 30.26
C TYR B 230 19.28 -6.31 30.17
N LEU B 231 18.70 -7.15 31.01
CA LEU B 231 18.92 -8.59 30.97
C LEU B 231 17.58 -9.27 30.79
N ALA B 232 17.54 -10.28 29.95
CA ALA B 232 16.30 -11.03 29.74
C ALA B 232 16.59 -12.42 29.22
N ALA B 233 15.71 -13.35 29.56
CA ALA B 233 15.78 -14.71 29.07
C ALA B 233 14.37 -15.28 28.90
N GLN B 234 14.21 -16.17 27.92
CA GLN B 234 12.95 -16.87 27.73
C GLN B 234 13.22 -18.32 27.32
N TYR B 235 12.44 -19.24 27.86
CA TYR B 235 12.52 -20.64 27.46
C TYR B 235 11.13 -21.14 27.09
N THR B 236 10.97 -21.52 25.83
CA THR B 236 9.71 -22.06 25.33
C THR B 236 9.92 -23.49 24.86
N GLN B 237 9.02 -24.37 25.31
CA GLN B 237 9.00 -25.75 24.88
C GLN B 237 7.74 -25.94 24.03
N THR B 238 7.92 -26.30 22.77
CA THR B 238 6.80 -26.38 21.82
C THR B 238 6.55 -27.81 21.36
N TYR B 239 5.32 -28.07 20.92
CA TYR B 239 4.95 -29.33 20.28
C TYR B 239 4.15 -29.05 19.02
N ASN B 240 4.63 -29.55 17.88
CA ASN B 240 3.99 -29.33 16.58
C ASN B 240 3.76 -27.85 16.22
N ALA B 241 4.58 -26.96 16.79
CA ALA B 241 4.38 -25.51 16.67
C ALA B 241 5.54 -24.78 15.98
N THR B 242 6.76 -25.23 16.24
CA THR B 242 7.97 -24.60 15.72
C THR B 242 8.24 -25.04 14.28
N ARG B 243 8.45 -24.07 13.39
CA ARG B 243 8.77 -24.38 12.01
C ARG B 243 10.21 -24.86 11.86
N VAL B 244 10.40 -25.89 11.04
CA VAL B 244 11.73 -26.42 10.72
C VAL B 244 11.98 -26.25 9.22
N GLY B 245 12.41 -25.05 8.83
CA GLY B 245 12.68 -24.75 7.42
C GLY B 245 11.48 -25.12 6.56
N SER B 246 11.73 -25.86 5.48
CA SER B 246 10.68 -26.32 4.59
C SER B 246 10.14 -27.71 4.98
N LEU B 247 10.84 -28.39 5.88
CA LEU B 247 10.54 -29.78 6.20
C LEU B 247 9.17 -29.97 6.82
N GLY B 248 8.74 -28.98 7.60
CA GLY B 248 7.47 -29.07 8.33
C GLY B 248 7.61 -28.39 9.69
N TRP B 249 7.11 -29.05 10.73
CA TRP B 249 7.24 -28.56 12.09
C TRP B 249 8.00 -29.57 12.96
N ALA B 250 8.43 -29.14 14.15
CA ALA B 250 9.15 -30.01 15.07
C ALA B 250 8.19 -30.70 16.02
N ASN B 251 8.15 -32.03 15.98
CA ASN B 251 7.39 -32.81 16.97
C ASN B 251 7.55 -32.19 18.35
N LYS B 252 8.80 -32.08 18.80
CA LYS B 252 9.14 -31.35 20.01
C LYS B 252 10.29 -30.39 19.73
N ALA B 253 10.25 -29.22 20.37
CA ALA B 253 11.31 -28.24 20.26
C ALA B 253 11.55 -27.55 21.60
N GLN B 254 12.82 -27.25 21.87
CA GLN B 254 13.21 -26.51 23.06
C GLN B 254 13.92 -25.24 22.63
N ASN B 255 13.25 -24.12 22.81
CA ASN B 255 13.75 -22.82 22.37
C ASN B 255 14.24 -22.01 23.57
N PHE B 256 15.39 -21.37 23.42
CA PHE B 256 15.98 -20.55 24.48
C PHE B 256 16.61 -19.29 23.89
N GLU B 257 16.30 -18.14 24.50
CA GLU B 257 16.84 -16.86 24.07
C GLU B 257 17.33 -16.12 25.31
N ALA B 258 18.53 -15.56 25.25
CA ALA B 258 19.11 -14.78 26.35
C ALA B 258 19.80 -13.54 25.80
N VAL B 259 19.65 -12.41 26.49
CA VAL B 259 20.22 -11.13 26.03
C VAL B 259 20.80 -10.33 27.19
N ALA B 260 21.87 -9.60 26.91
CA ALA B 260 22.46 -8.65 27.85
C ALA B 260 22.77 -7.33 27.12
N GLN B 261 22.30 -6.22 27.68
CA GLN B 261 22.50 -4.90 27.08
C GLN B 261 22.86 -3.86 28.14
N TYR B 262 23.56 -2.82 27.72
CA TYR B 262 23.89 -1.70 28.60
C TYR B 262 23.74 -0.38 27.84
N GLN B 263 23.01 0.56 28.43
CA GLN B 263 22.81 1.88 27.84
C GLN B 263 23.79 2.88 28.43
N PHE B 264 24.79 3.28 27.64
CA PHE B 264 25.68 4.37 28.03
C PHE B 264 24.92 5.70 27.98
N ASP B 265 25.33 6.64 28.82
CA ASP B 265 24.67 7.95 28.90
C ASP B 265 24.77 8.72 27.60
N PHE B 266 25.94 8.65 26.95
CA PHE B 266 26.17 9.34 25.68
C PHE B 266 25.44 8.73 24.46
N GLY B 267 24.76 7.60 24.63
CA GLY B 267 23.87 7.07 23.58
C GLY B 267 24.18 5.67 23.04
N LEU B 268 25.35 5.13 23.38
CA LEU B 268 25.75 3.81 22.87
C LEU B 268 25.09 2.69 23.67
N ARG B 269 24.61 1.67 22.96
CA ARG B 269 23.94 0.52 23.56
C ARG B 269 24.47 -0.80 22.98
N PRO B 270 25.51 -1.39 23.61
CA PRO B 270 26.01 -2.69 23.16
C PRO B 270 25.09 -3.83 23.56
N SER B 271 25.00 -4.85 22.70
CA SER B 271 24.10 -5.98 22.92
C SER B 271 24.80 -7.30 22.64
N LEU B 272 24.60 -8.26 23.54
CA LEU B 272 25.11 -9.61 23.40
C LEU B 272 23.95 -10.58 23.63
N ALA B 273 23.64 -11.40 22.65
CA ALA B 273 22.51 -12.34 22.75
C ALA B 273 22.87 -13.74 22.27
N TYR B 274 22.15 -14.72 22.81
CA TYR B 274 22.30 -16.13 22.41
C TYR B 274 20.92 -16.70 22.13
N LEU B 275 20.68 -17.13 20.89
CA LEU B 275 19.41 -17.77 20.53
C LEU B 275 19.66 -19.21 20.10
N GLN B 276 18.69 -20.08 20.41
CA GLN B 276 18.82 -21.50 20.17
C GLN B 276 17.45 -22.16 20.08
N SER B 277 17.28 -23.04 19.09
CA SER B 277 16.10 -23.87 18.95
C SER B 277 16.50 -25.32 18.66
N LYS B 278 16.21 -26.22 19.60
CA LYS B 278 16.60 -27.63 19.48
C LYS B 278 15.41 -28.51 19.09
N GLY B 279 15.45 -29.08 17.89
CA GLY B 279 14.44 -30.04 17.46
C GLY B 279 14.71 -31.41 18.06
N LYS B 280 13.68 -32.01 18.66
CA LYS B 280 13.79 -33.34 19.25
C LYS B 280 12.86 -34.31 18.54
N ASN B 281 13.38 -35.50 18.21
CA ASN B 281 12.61 -36.56 17.55
C ASN B 281 11.80 -36.02 16.38
N LEU B 282 12.51 -35.37 15.46
CA LEU B 282 11.89 -34.69 14.32
C LEU B 282 11.31 -35.65 13.28
N GLY B 283 11.72 -36.91 13.34
CA GLY B 283 11.30 -37.90 12.36
C GLY B 283 12.01 -37.67 11.04
N ARG B 284 11.59 -38.41 10.02
CA ARG B 284 12.14 -38.26 8.67
C ARG B 284 13.64 -38.59 8.62
N GLY B 285 14.09 -39.40 9.57
CA GLY B 285 15.51 -39.75 9.67
C GLY B 285 16.40 -38.79 10.42
N TYR B 286 15.87 -37.63 10.79
CA TYR B 286 16.62 -36.63 11.51
C TYR B 286 16.03 -37.06 12.83
N ASP B 287 16.81 -37.08 13.90
CA ASP B 287 16.29 -37.34 15.23
C ASP B 287 16.34 -35.97 15.93
N ASP B 288 17.53 -35.61 16.40
CA ASP B 288 17.73 -34.40 17.18
C ASP B 288 18.64 -33.43 16.42
N GLU B 289 18.07 -32.32 15.96
CA GLU B 289 18.82 -31.33 15.18
C GLU B 289 18.55 -29.90 15.67
N ASP B 290 19.59 -29.08 15.67
CA ASP B 290 19.47 -27.66 15.95
C ASP B 290 18.74 -27.02 14.78
N ILE B 291 17.58 -26.43 15.07
CA ILE B 291 16.80 -25.73 14.06
C ILE B 291 17.37 -24.33 13.88
N LEU B 292 17.76 -23.73 15.01
CA LEU B 292 18.41 -22.42 15.04
C LEU B 292 19.49 -22.46 16.12
N LYS B 293 20.58 -21.75 15.89
CA LYS B 293 21.63 -21.60 16.90
C LYS B 293 22.63 -20.54 16.47
N TYR B 294 22.60 -19.37 17.12
CA TYR B 294 23.59 -18.34 16.85
C TYR B 294 23.82 -17.42 18.03
N VAL B 295 24.99 -16.78 18.04
CA VAL B 295 25.31 -15.75 19.00
C VAL B 295 25.22 -14.43 18.27
N ASP B 296 24.65 -13.42 18.93
CA ASP B 296 24.50 -12.11 18.32
C ASP B 296 25.26 -11.06 19.11
N VAL B 297 26.20 -10.38 18.45
CA VAL B 297 26.91 -9.25 19.04
C VAL B 297 26.64 -8.01 18.18
N GLY B 298 26.32 -6.90 18.84
CA GLY B 298 25.92 -5.70 18.13
C GLY B 298 25.94 -4.46 18.99
N ALA B 299 25.54 -3.34 18.39
CA ALA B 299 25.52 -2.05 19.06
C ALA B 299 24.66 -1.06 18.29
N THR B 300 23.80 -0.33 19.01
CA THR B 300 23.01 0.76 18.46
C THR B 300 23.50 2.05 19.10
N TYR B 301 23.70 3.09 18.28
CA TYR B 301 24.01 4.42 18.80
C TYR B 301 22.82 5.34 18.59
N TYR B 302 22.21 5.81 19.67
CA TYR B 302 21.06 6.69 19.58
C TYR B 302 21.49 8.14 19.57
N PHE B 303 21.34 8.79 18.41
CA PHE B 303 21.56 10.23 18.29
C PHE B 303 20.53 10.94 19.17
N ASN B 304 19.27 10.52 19.03
CA ASN B 304 18.18 10.94 19.92
C ASN B 304 16.98 10.00 19.77
N LYS B 305 15.83 10.40 20.29
CA LYS B 305 14.59 9.64 20.17
C LYS B 305 14.16 9.42 18.70
N ASN B 306 14.58 10.31 17.81
CA ASN B 306 14.15 10.26 16.41
C ASN B 306 15.17 9.65 15.44
N MET B 307 16.41 9.43 15.89
CA MET B 307 17.48 8.97 14.98
C MET B 307 18.49 8.05 15.67
N SER B 308 18.92 7.03 14.94
CA SER B 308 19.95 6.11 15.42
C SER B 308 20.63 5.37 14.26
N THR B 309 21.73 4.71 14.58
CA THR B 309 22.41 3.82 13.65
C THR B 309 22.92 2.61 14.44
N TYR B 310 23.06 1.48 13.76
CA TYR B 310 23.48 0.27 14.46
C TYR B 310 24.21 -0.72 13.56
N VAL B 311 25.04 -1.54 14.20
CA VAL B 311 25.63 -2.72 13.58
C VAL B 311 25.16 -3.94 14.38
N ASP B 312 24.86 -5.02 13.68
CA ASP B 312 24.41 -6.25 14.32
C ASP B 312 25.09 -7.43 13.63
N TYR B 313 25.78 -8.26 14.41
CA TYR B 313 26.56 -9.37 13.86
C TYR B 313 26.03 -10.72 14.33
N LYS B 314 25.32 -11.40 13.43
CA LYS B 314 24.82 -12.75 13.70
C LYS B 314 25.93 -13.78 13.43
N ILE B 315 26.57 -14.23 14.50
CA ILE B 315 27.57 -15.29 14.39
C ILE B 315 26.82 -16.61 14.41
N ASN B 316 26.70 -17.23 13.24
CA ASN B 316 25.87 -18.43 13.09
C ASN B 316 26.63 -19.68 13.55
N LEU B 317 26.08 -20.38 14.54
CA LEU B 317 26.73 -21.55 15.12
C LEU B 317 26.28 -22.89 14.52
N LEU B 318 25.25 -22.88 13.68
CA LEU B 318 24.80 -24.11 13.02
C LEU B 318 25.87 -24.64 12.07
N ASP B 319 25.97 -25.97 11.99
CA ASP B 319 26.83 -26.61 11.01
C ASP B 319 26.06 -26.79 9.71
N ASP B 320 26.74 -26.54 8.59
CA ASP B 320 26.23 -26.92 7.29
C ASP B 320 26.23 -28.46 7.23
N ASN B 321 25.03 -29.05 7.20
CA ASN B 321 24.88 -30.50 7.14
C ASN B 321 23.64 -30.90 6.36
N ARG B 322 23.33 -32.19 6.34
CA ARG B 322 22.20 -32.72 5.57
C ARG B 322 20.88 -32.09 5.98
N PHE B 323 20.64 -32.00 7.29
CA PHE B 323 19.39 -31.43 7.81
C PHE B 323 19.19 -29.96 7.42
N THR B 324 20.23 -29.15 7.59
CA THR B 324 20.13 -27.71 7.33
C THR B 324 19.96 -27.41 5.84
N ARG B 325 20.57 -28.22 4.97
CA ARG B 325 20.42 -28.06 3.52
C ARG B 325 19.03 -28.48 3.06
N ASP B 326 18.59 -29.62 3.55
CA ASP B 326 17.24 -30.14 3.26
C ASP B 326 16.13 -29.21 3.72
N ALA B 327 16.29 -28.67 4.92
CA ALA B 327 15.34 -27.72 5.47
C ALA B 327 15.49 -26.34 4.84
N GLY B 328 16.67 -26.06 4.29
CA GLY B 328 16.93 -24.76 3.67
C GLY B 328 17.21 -23.70 4.71
N ILE B 329 17.83 -24.11 5.82
CA ILE B 329 18.14 -23.20 6.91
C ILE B 329 19.50 -22.57 6.68
N ASN B 330 19.55 -21.25 6.80
CA ASN B 330 20.81 -20.51 6.73
C ASN B 330 21.73 -20.91 7.86
N THR B 331 22.99 -21.21 7.53
CA THR B 331 24.02 -21.46 8.54
C THR B 331 25.18 -20.47 8.42
N ASP B 332 25.05 -19.46 7.57
CA ASP B 332 26.10 -18.44 7.38
C ASP B 332 25.89 -17.25 8.30
N ASP B 333 26.98 -16.53 8.57
CA ASP B 333 26.94 -15.29 9.34
C ASP B 333 26.20 -14.20 8.55
N ILE B 334 25.62 -13.26 9.28
CA ILE B 334 25.10 -12.02 8.69
C ILE B 334 25.50 -10.85 9.56
N VAL B 335 26.07 -9.82 8.94
CA VAL B 335 26.32 -8.53 9.58
C VAL B 335 25.32 -7.52 9.02
N ALA B 336 24.61 -6.83 9.91
CA ALA B 336 23.62 -5.83 9.51
C ALA B 336 24.14 -4.44 9.84
N LEU B 337 24.05 -3.54 8.86
CA LEU B 337 24.42 -2.14 9.05
C LEU B 337 23.20 -1.28 8.71
N GLY B 338 22.71 -0.51 9.67
CA GLY B 338 21.47 0.22 9.51
C GLY B 338 21.52 1.69 9.93
N LEU B 339 20.78 2.53 9.20
CA LEU B 339 20.57 3.93 9.59
C LEU B 339 19.06 4.17 9.65
N VAL B 340 18.59 4.71 10.78
CA VAL B 340 17.16 4.72 11.08
C VAL B 340 16.66 6.09 11.52
N TYR B 341 15.70 6.64 10.78
CA TYR B 341 14.92 7.80 11.19
C TYR B 341 13.53 7.32 11.58
N GLN B 342 13.00 7.81 12.70
CA GLN B 342 11.64 7.46 13.14
C GLN B 342 10.94 8.66 13.79
N PHE B 343 9.61 8.64 13.78
CA PHE B 343 8.80 9.72 14.34
C PHE B 343 7.56 9.20 15.09
N ALA C 1 2.52 18.97 3.33
CA ALA C 1 2.14 19.91 4.42
C ALA C 1 2.82 19.52 5.73
N GLU C 2 3.34 20.51 6.46
CA GLU C 2 3.95 20.27 7.77
C GLU C 2 2.84 20.03 8.78
N ILE C 3 2.69 18.77 9.19
CA ILE C 3 1.62 18.36 10.10
C ILE C 3 2.15 18.12 11.52
N TYR C 4 3.45 18.33 11.72
CA TYR C 4 4.08 18.11 13.02
C TYR C 4 5.42 18.82 13.09
N ASN C 5 5.66 19.50 14.21
CA ASN C 5 6.87 20.27 14.42
C ASN C 5 6.93 20.54 15.91
N LYS C 6 7.79 19.83 16.62
CA LYS C 6 7.75 19.78 18.08
C LYS C 6 9.04 19.22 18.66
N ASP C 7 9.53 19.83 19.73
CA ASP C 7 10.68 19.32 20.48
C ASP C 7 11.78 18.77 19.58
N GLY C 8 12.16 19.54 18.57
CA GLY C 8 13.31 19.20 17.72
C GLY C 8 13.07 18.33 16.50
N ASN C 9 11.86 17.82 16.32
CA ASN C 9 11.53 17.03 15.11
C ASN C 9 10.35 17.64 14.37
N LYS C 10 10.44 17.65 13.04
CA LYS C 10 9.30 18.06 12.21
C LYS C 10 9.01 17.03 11.12
N LEU C 11 7.77 17.00 10.67
CA LEU C 11 7.32 16.00 9.69
C LEU C 11 6.40 16.65 8.68
N ASP C 12 6.81 16.60 7.41
CA ASP C 12 6.02 17.07 6.28
C ASP C 12 5.34 15.85 5.66
N LEU C 13 4.02 15.78 5.77
CA LEU C 13 3.26 14.78 5.05
C LEU C 13 2.76 15.47 3.80
N TYR C 14 3.12 14.92 2.65
CA TYR C 14 2.77 15.53 1.36
C TYR C 14 2.21 14.48 0.41
N GLY C 15 1.66 14.96 -0.69
CA GLY C 15 1.08 14.08 -1.69
C GLY C 15 0.31 14.82 -2.75
N LYS C 16 -0.24 14.07 -3.71
CA LYS C 16 -1.13 14.65 -4.70
C LYS C 16 -2.01 13.61 -5.36
N VAL C 17 -3.11 14.10 -5.93
CA VAL C 17 -3.98 13.32 -6.80
C VAL C 17 -3.97 13.96 -8.17
N ASP C 18 -3.53 13.20 -9.17
CA ASP C 18 -3.55 13.66 -10.55
C ASP C 18 -4.66 12.90 -11.28
N GLY C 19 -5.78 13.58 -11.51
CA GLY C 19 -6.80 13.11 -12.43
C GLY C 19 -6.27 13.33 -13.83
N LEU C 20 -5.95 12.23 -14.51
CA LEU C 20 -5.12 12.26 -15.69
C LEU C 20 -5.71 11.37 -16.78
N HIS C 21 -5.72 11.87 -18.01
CA HIS C 21 -6.20 11.09 -19.15
C HIS C 21 -5.28 11.27 -20.34
N TYR C 22 -4.96 10.15 -21.01
CA TYR C 22 -4.11 10.15 -22.20
C TYR C 22 -4.97 9.90 -23.43
N PHE C 23 -4.71 10.65 -24.50
CA PHE C 23 -5.36 10.43 -25.79
C PHE C 23 -4.29 10.07 -26.81
N SER C 24 -4.35 8.85 -27.37
CA SER C 24 -3.34 8.40 -28.33
C SER C 24 -3.88 7.34 -29.28
N ASP C 25 -3.34 7.33 -30.50
CA ASP C 25 -3.69 6.30 -31.48
C ASP C 25 -3.16 4.93 -31.04
N ASN C 26 -2.07 4.92 -30.28
CA ASN C 26 -1.58 3.72 -29.63
C ASN C 26 -2.51 3.34 -28.46
N ASP C 27 -3.24 2.23 -28.59
CA ASP C 27 -4.21 1.78 -27.59
C ASP C 27 -3.60 1.59 -26.21
N SER C 28 -2.34 1.18 -26.16
CA SER C 28 -1.61 0.98 -24.90
C SER C 28 -1.26 2.30 -24.20
N LYS C 29 -1.37 3.42 -24.92
CA LYS C 29 -1.10 4.74 -24.34
C LYS C 29 -2.36 5.59 -24.34
N ASP C 30 -3.53 4.96 -24.42
CA ASP C 30 -4.79 5.70 -24.47
C ASP C 30 -5.71 5.32 -23.32
N GLY C 31 -6.19 6.33 -22.60
CA GLY C 31 -7.17 6.12 -21.55
C GLY C 31 -6.81 6.75 -20.22
N ASP C 32 -7.55 6.34 -19.20
CA ASP C 32 -7.38 6.87 -17.85
C ASP C 32 -5.99 6.55 -17.29
N LYS C 33 -5.29 7.57 -16.81
CA LYS C 33 -3.96 7.41 -16.20
C LYS C 33 -3.93 8.00 -14.79
N THR C 34 -5.10 8.19 -14.18
CA THR C 34 -5.20 8.76 -12.84
C THR C 34 -4.29 8.04 -11.84
N TYR C 35 -3.64 8.81 -10.98
CA TYR C 35 -2.77 8.25 -9.97
C TYR C 35 -2.59 9.25 -8.82
N MET C 36 -2.04 8.75 -7.72
CA MET C 36 -1.70 9.60 -6.60
C MET C 36 -0.31 9.27 -6.07
N ARG C 37 0.28 10.25 -5.40
CA ARG C 37 1.53 10.04 -4.67
C ARG C 37 1.35 10.48 -3.24
N LEU C 38 2.04 9.79 -2.34
CA LEU C 38 1.98 10.08 -0.93
C LEU C 38 3.38 9.96 -0.36
N GLY C 39 3.75 10.85 0.54
CA GLY C 39 5.07 10.79 1.15
C GLY C 39 5.19 11.59 2.41
N PHE C 40 6.27 11.35 3.14
CA PHE C 40 6.63 12.18 4.28
C PHE C 40 8.11 12.54 4.25
N LYS C 41 8.42 13.74 4.70
CA LYS C 41 9.78 14.22 4.89
C LYS C 41 9.94 14.51 6.36
N GLY C 42 10.75 13.72 7.05
CA GLY C 42 11.00 13.89 8.47
C GLY C 42 12.40 14.40 8.70
N GLU C 43 12.55 15.25 9.72
CA GLU C 43 13.83 15.89 10.02
C GLU C 43 13.93 16.20 11.50
N THR C 44 15.03 15.80 12.12
CA THR C 44 15.23 15.98 13.56
C THR C 44 16.57 16.68 13.89
N GLN C 45 16.50 17.69 14.74
CA GLN C 45 17.70 18.41 15.19
C GLN C 45 18.36 17.64 16.32
N VAL C 46 19.48 16.98 16.02
CA VAL C 46 20.26 16.29 17.03
C VAL C 46 21.06 17.32 17.83
N THR C 47 21.85 18.13 17.12
CA THR C 47 22.59 19.24 17.73
C THR C 47 22.41 20.53 16.93
N ASP C 48 23.19 21.56 17.28
CA ASP C 48 23.22 22.84 16.56
C ASP C 48 23.54 22.66 15.07
N GLN C 49 24.43 21.71 14.77
CA GLN C 49 24.94 21.52 13.42
C GLN C 49 24.63 20.15 12.80
N LEU C 50 24.10 19.22 13.58
CA LEU C 50 23.81 17.86 13.11
C LEU C 50 22.32 17.57 13.09
N THR C 51 21.80 17.18 11.92
CA THR C 51 20.39 16.81 11.81
C THR C 51 20.24 15.44 11.14
N GLY C 52 19.31 14.65 11.67
CA GLY C 52 18.94 13.38 11.08
C GLY C 52 17.69 13.57 10.26
N TYR C 53 17.55 12.79 9.18
CA TYR C 53 16.37 12.92 8.33
C TYR C 53 15.99 11.60 7.68
N GLY C 54 14.73 11.54 7.26
CA GLY C 54 14.17 10.37 6.61
C GLY C 54 13.13 10.80 5.60
N GLN C 55 13.11 10.14 4.45
CA GLN C 55 12.12 10.47 3.43
C GLN C 55 11.60 9.21 2.77
N TRP C 56 10.33 9.27 2.39
CA TRP C 56 9.62 8.13 1.82
C TRP C 56 8.56 8.69 0.90
N GLU C 57 8.48 8.14 -0.32
CA GLU C 57 7.50 8.57 -1.29
C GLU C 57 6.97 7.36 -2.03
N TYR C 58 5.67 7.38 -2.30
CA TYR C 58 4.93 6.20 -2.73
C TYR C 58 3.94 6.59 -3.80
N GLN C 59 3.89 5.84 -4.90
CA GLN C 59 2.88 6.07 -5.95
C GLN C 59 1.82 4.99 -5.90
N ILE C 60 0.56 5.40 -5.92
CA ILE C 60 -0.57 4.49 -5.94
C ILE C 60 -1.40 4.83 -7.17
N GLN C 61 -1.55 3.87 -8.06
CA GLN C 61 -2.27 4.09 -9.29
C GLN C 61 -3.76 4.21 -8.99
N GLY C 62 -4.44 5.10 -9.72
CA GLY C 62 -5.86 5.35 -9.52
C GLY C 62 -6.69 5.04 -10.76
N ASN C 63 -6.11 4.30 -11.70
CA ASN C 63 -6.80 3.99 -12.96
C ASN C 63 -7.11 2.50 -13.14
N GLU C 64 -7.00 1.75 -12.04
CA GLU C 64 -7.17 0.30 -12.05
C GLU C 64 -8.40 -0.09 -11.23
N PRO C 65 -8.94 -1.30 -11.48
CA PRO C 65 -10.07 -1.75 -10.67
C PRO C 65 -9.57 -2.27 -9.33
N GLU C 66 -10.50 -2.55 -8.40
CA GLU C 66 -10.14 -2.89 -7.03
C GLU C 66 -9.64 -4.32 -6.85
N SER C 67 -9.73 -5.16 -7.88
CA SER C 67 -9.23 -6.53 -7.80
C SER C 67 -7.71 -6.64 -7.97
N ASP C 68 -7.08 -5.57 -8.45
CA ASP C 68 -5.67 -5.60 -8.85
C ASP C 68 -5.12 -4.19 -8.96
N ASN C 69 -4.81 -3.58 -7.82
CA ASN C 69 -4.33 -2.20 -7.77
C ASN C 69 -2.80 -2.16 -7.54
N SER C 70 -2.09 -1.43 -8.39
CA SER C 70 -0.63 -1.38 -8.41
C SER C 70 -0.07 -0.16 -7.70
N SER C 71 0.99 -0.37 -6.92
CA SER C 71 1.66 0.70 -6.18
C SER C 71 3.13 0.37 -5.94
N TRP C 72 3.94 1.38 -5.62
CA TRP C 72 5.38 1.20 -5.40
C TRP C 72 6.03 2.37 -4.66
N THR C 73 7.14 2.07 -4.01
CA THR C 73 7.98 3.07 -3.36
C THR C 73 8.91 3.72 -4.38
N ARG C 74 8.83 5.05 -4.48
CA ARG C 74 9.74 5.83 -5.31
C ARG C 74 11.08 6.01 -4.62
N VAL C 75 11.04 6.56 -3.41
CA VAL C 75 12.24 6.70 -2.59
C VAL C 75 11.95 6.31 -1.13
N ALA C 76 12.99 5.87 -0.44
CA ALA C 76 12.92 5.51 0.98
C ALA C 76 14.34 5.50 1.52
N PHE C 77 14.71 6.54 2.28
CA PHE C 77 16.08 6.68 2.75
C PHE C 77 16.19 7.46 4.06
N ALA C 78 17.24 7.17 4.81
CA ALA C 78 17.60 7.88 6.04
C ALA C 78 18.98 8.50 5.87
N GLY C 79 19.28 9.52 6.66
CA GLY C 79 20.59 10.19 6.58
C GLY C 79 20.90 11.19 7.66
N LEU C 80 22.12 11.70 7.59
CA LEU C 80 22.67 12.65 8.54
C LEU C 80 23.29 13.82 7.80
N LYS C 81 23.13 15.03 8.34
CA LYS C 81 23.59 16.26 7.70
C LYS C 81 24.36 17.09 8.71
N PHE C 82 25.64 17.35 8.44
CA PHE C 82 26.44 18.23 9.30
C PHE C 82 26.70 19.56 8.58
N GLN C 83 26.39 20.66 9.27
CA GLN C 83 26.49 22.00 8.68
C GLN C 83 27.92 22.31 8.22
N ASP C 84 28.06 22.76 6.98
CA ASP C 84 29.35 23.13 6.37
C ASP C 84 30.35 21.98 6.33
N VAL C 85 29.84 20.75 6.26
CA VAL C 85 30.64 19.56 6.05
C VAL C 85 29.99 18.74 4.94
N GLY C 86 28.75 18.30 5.18
CA GLY C 86 27.98 17.60 4.16
C GLY C 86 26.91 16.69 4.71
N SER C 87 26.38 15.83 3.85
CA SER C 87 25.37 14.85 4.25
C SER C 87 25.77 13.44 3.86
N PHE C 88 25.21 12.46 4.54
CA PHE C 88 25.22 11.08 4.07
C PHE C 88 23.83 10.48 4.18
N ASP C 89 23.32 9.91 3.08
CA ASP C 89 22.09 9.12 3.17
C ASP C 89 22.20 7.78 2.42
N TYR C 90 21.34 6.85 2.82
CA TYR C 90 21.32 5.52 2.24
C TYR C 90 19.88 4.99 2.11
N GLY C 91 19.64 4.27 1.03
CA GLY C 91 18.35 3.64 0.76
C GLY C 91 18.00 3.71 -0.72
N ARG C 92 16.73 3.53 -1.03
CA ARG C 92 16.21 3.81 -2.35
C ARG C 92 16.17 5.31 -2.52
N ASN C 93 16.89 5.82 -3.52
CA ASN C 93 17.02 7.25 -3.73
C ASN C 93 17.32 7.50 -5.21
N TYR C 94 17.54 8.75 -5.59
CA TYR C 94 17.90 9.10 -6.96
C TYR C 94 19.42 8.96 -7.16
N GLY C 95 19.81 8.46 -8.33
CA GLY C 95 21.21 8.42 -8.72
C GLY C 95 21.73 9.82 -9.00
N VAL C 96 23.04 10.00 -8.81
CA VAL C 96 23.66 11.33 -8.93
C VAL C 96 23.70 11.87 -10.36
N VAL C 97 23.51 10.99 -11.34
CA VAL C 97 23.38 11.44 -12.72
C VAL C 97 22.21 12.40 -12.82
N TYR C 98 21.17 12.12 -12.05
CA TYR C 98 19.94 12.91 -12.02
C TYR C 98 20.12 14.31 -11.40
N ASP C 99 21.22 14.51 -10.66
CA ASP C 99 21.56 15.84 -10.15
C ASP C 99 21.62 16.85 -11.28
N VAL C 100 21.96 16.38 -12.48
CA VAL C 100 22.04 17.24 -13.66
C VAL C 100 20.89 17.04 -14.65
N THR C 101 20.49 15.79 -14.88
CA THR C 101 19.45 15.49 -15.88
C THR C 101 18.05 15.88 -15.41
N SER C 102 17.87 16.04 -14.10
CA SER C 102 16.61 16.55 -13.54
C SER C 102 16.27 17.95 -14.06
N TRP C 103 17.30 18.70 -14.46
CA TRP C 103 17.12 20.07 -14.94
C TRP C 103 16.19 20.18 -16.15
N THR C 104 16.15 19.15 -16.99
CA THR C 104 15.23 19.12 -18.12
C THR C 104 13.96 18.31 -17.83
N ASP C 105 13.93 17.62 -16.69
CA ASP C 105 12.77 16.82 -16.30
C ASP C 105 11.72 17.66 -15.58
N VAL C 106 11.13 18.60 -16.32
CA VAL C 106 10.23 19.59 -15.78
C VAL C 106 8.99 19.81 -16.66
N LEU C 107 8.69 18.86 -17.55
CA LEU C 107 7.53 18.99 -18.42
C LEU C 107 6.26 18.70 -17.62
N PRO C 108 5.10 19.18 -18.11
CA PRO C 108 3.83 18.98 -17.41
C PRO C 108 3.49 17.51 -17.16
N GLU C 109 3.69 16.65 -18.16
CA GLU C 109 3.41 15.22 -18.01
C GLU C 109 4.55 14.33 -18.50
N PHE C 110 5.05 14.58 -19.70
CA PHE C 110 6.05 13.73 -20.34
C PHE C 110 7.46 14.17 -19.97
N GLY C 111 8.45 13.88 -20.81
CA GLY C 111 9.84 14.23 -20.51
C GLY C 111 10.53 13.25 -19.60
N GLY C 112 11.84 13.48 -19.39
CA GLY C 112 12.63 12.70 -18.43
C GLY C 112 12.70 11.21 -18.70
N ASP C 113 12.65 10.83 -19.98
CA ASP C 113 12.59 9.42 -20.36
C ASP C 113 13.60 9.00 -21.43
N THR C 114 14.75 9.65 -21.45
CA THR C 114 15.95 9.11 -22.10
C THR C 114 16.69 8.18 -21.11
N TYR C 115 15.99 7.74 -20.07
CA TYR C 115 16.51 6.85 -19.05
C TYR C 115 15.29 6.40 -18.25
N ASP C 116 15.46 5.38 -17.40
CA ASP C 116 14.34 4.80 -16.66
C ASP C 116 14.62 4.79 -15.16
N SER C 117 13.63 4.34 -14.41
CA SER C 117 13.82 3.97 -13.01
C SER C 117 14.53 2.63 -12.95
N ASP C 118 15.26 2.40 -11.86
CA ASP C 118 16.04 1.17 -11.68
C ASP C 118 16.90 0.89 -12.89
N ASN C 119 17.54 1.94 -13.40
CA ASN C 119 18.32 1.89 -14.61
C ASN C 119 19.71 2.39 -14.26
N PHE C 120 20.49 1.52 -13.63
CA PHE C 120 21.81 1.87 -13.09
C PHE C 120 21.70 3.16 -12.27
N MET C 121 22.69 4.05 -12.31
CA MET C 121 22.69 5.22 -11.43
C MET C 121 22.10 6.47 -12.10
N GLN C 122 21.14 6.27 -13.00
CA GLN C 122 20.62 7.35 -13.85
C GLN C 122 19.38 8.00 -13.24
N GLN C 123 18.57 7.22 -12.54
CA GLN C 123 17.40 7.77 -11.86
C GLN C 123 17.21 7.05 -10.51
N ARG C 124 15.97 6.94 -10.06
CA ARG C 124 15.63 6.19 -8.87
C ARG C 124 16.15 4.76 -8.96
N GLY C 125 16.66 4.25 -7.84
CA GLY C 125 17.12 2.87 -7.79
C GLY C 125 17.42 2.46 -6.36
N ASN C 126 17.63 1.16 -6.15
CA ASN C 126 17.86 0.60 -4.82
C ASN C 126 19.30 0.74 -4.32
N GLY C 127 19.44 0.92 -3.01
CA GLY C 127 20.73 0.80 -2.32
C GLY C 127 21.81 1.82 -2.65
N PHE C 128 21.42 3.08 -2.88
CA PHE C 128 22.40 4.15 -3.06
C PHE C 128 22.98 4.60 -1.70
N ALA C 129 24.30 4.68 -1.61
CA ALA C 129 24.97 5.35 -0.50
C ALA C 129 25.54 6.65 -1.04
N THR C 130 24.98 7.78 -0.62
CA THR C 130 25.26 9.07 -1.26
C THR C 130 25.87 10.09 -0.30
N TYR C 131 27.08 10.52 -0.60
CA TYR C 131 27.77 11.57 0.14
C TYR C 131 27.63 12.87 -0.65
N ARG C 132 27.18 13.92 0.02
CA ARG C 132 26.98 15.23 -0.63
C ARG C 132 27.66 16.35 0.14
N ASN C 133 28.29 17.26 -0.61
CA ASN C 133 28.92 18.45 -0.05
C ASN C 133 28.25 19.67 -0.66
N THR C 134 27.73 20.55 0.19
CA THR C 134 26.93 21.68 -0.24
C THR C 134 27.69 22.97 0.00
N ASP C 135 27.86 23.75 -1.07
CA ASP C 135 28.59 25.03 -1.05
C ASP C 135 30.05 24.88 -0.61
N PHE C 136 30.67 23.76 -1.01
CA PHE C 136 32.09 23.47 -0.72
C PHE C 136 32.52 23.87 0.70
N PHE C 137 31.98 23.18 1.70
CA PHE C 137 32.27 23.44 3.12
C PHE C 137 31.86 24.86 3.54
N GLY C 138 30.85 25.41 2.87
CA GLY C 138 30.39 26.77 3.13
C GLY C 138 31.36 27.87 2.70
N LEU C 139 32.32 27.52 1.83
CA LEU C 139 33.31 28.47 1.34
C LEU C 139 33.00 29.01 -0.08
N VAL C 140 32.24 28.26 -0.87
CA VAL C 140 31.86 28.67 -2.21
C VAL C 140 30.36 28.45 -2.42
N ASP C 141 29.58 29.49 -2.16
CA ASP C 141 28.12 29.42 -2.30
C ASP C 141 27.78 29.02 -3.73
N GLY C 142 27.00 27.95 -3.88
CA GLY C 142 26.56 27.48 -5.19
C GLY C 142 27.27 26.25 -5.75
N LEU C 143 28.46 25.95 -5.24
CA LEU C 143 29.24 24.81 -5.72
C LEU C 143 28.92 23.56 -4.91
N ASP C 144 28.28 22.59 -5.55
CA ASP C 144 27.89 21.34 -4.90
C ASP C 144 28.56 20.15 -5.57
N PHE C 145 28.93 19.14 -4.79
CA PHE C 145 29.36 17.87 -5.37
C PHE C 145 28.87 16.66 -4.59
N ALA C 146 28.86 15.52 -5.25
CA ALA C 146 28.38 14.29 -4.65
C ALA C 146 29.21 13.12 -5.15
N VAL C 147 29.50 12.19 -4.25
CA VAL C 147 30.02 10.88 -4.60
C VAL C 147 28.98 9.84 -4.17
N GLN C 148 28.78 8.83 -5.00
CA GLN C 148 27.70 7.88 -4.79
C GLN C 148 28.13 6.46 -5.11
N TYR C 149 27.74 5.53 -4.24
CA TYR C 149 27.98 4.11 -4.44
C TYR C 149 26.63 3.41 -4.50
N GLN C 150 26.44 2.53 -5.49
CA GLN C 150 25.27 1.67 -5.52
C GLN C 150 25.74 0.24 -5.41
N GLY C 151 25.25 -0.45 -4.38
CA GLY C 151 25.54 -1.86 -4.20
C GLY C 151 24.79 -2.71 -5.23
N LYS C 152 25.34 -3.89 -5.49
CA LYS C 152 24.76 -4.86 -6.40
C LYS C 152 23.29 -5.16 -6.06
N ASN C 153 22.41 -4.95 -7.04
CA ASN C 153 21.02 -5.42 -6.98
C ASN C 153 20.88 -6.53 -8.03
N GLY C 154 20.96 -7.77 -7.57
CA GLY C 154 21.16 -8.91 -8.45
C GLY C 154 19.89 -9.65 -8.84
N SER C 155 20.05 -10.91 -9.21
CA SER C 155 18.94 -11.76 -9.61
C SER C 155 18.21 -12.32 -8.40
N ALA C 156 17.03 -12.89 -8.62
CA ALA C 156 16.23 -13.49 -7.55
C ALA C 156 16.48 -14.99 -7.41
N HIS C 157 17.34 -15.55 -8.26
CA HIS C 157 17.65 -16.97 -8.24
C HIS C 157 19.02 -17.27 -8.86
N GLY C 158 19.65 -18.35 -8.43
CA GLY C 158 20.87 -18.85 -9.07
C GLY C 158 22.10 -18.02 -8.80
N GLU C 159 22.94 -17.87 -9.83
CA GLU C 159 24.18 -17.10 -9.75
C GLU C 159 23.86 -15.60 -9.67
N GLY C 160 24.71 -14.85 -8.96
CA GLY C 160 24.58 -13.41 -8.84
C GLY C 160 23.33 -12.97 -8.11
N MET C 161 22.92 -13.75 -7.12
CA MET C 161 21.69 -13.50 -6.38
C MET C 161 21.93 -12.50 -5.24
N THR C 162 20.96 -11.61 -5.01
CA THR C 162 20.95 -10.80 -3.80
C THR C 162 19.66 -11.04 -3.04
N THR C 163 19.65 -10.63 -1.78
CA THR C 163 18.50 -10.81 -0.90
C THR C 163 17.29 -10.06 -1.45
N ASN C 164 17.53 -8.90 -2.07
CA ASN C 164 16.50 -8.14 -2.78
C ASN C 164 16.53 -8.38 -4.29
N GLY C 165 16.89 -9.61 -4.68
CA GLY C 165 17.05 -9.95 -6.09
C GLY C 165 15.81 -9.72 -6.93
N ARG C 166 16.03 -9.64 -8.24
CA ARG C 166 14.97 -9.33 -9.21
C ARG C 166 15.27 -10.02 -10.53
N ASP C 167 14.27 -10.69 -11.10
CA ASP C 167 14.48 -11.50 -12.31
C ASP C 167 14.46 -10.70 -13.61
N ASP C 168 13.91 -9.49 -13.57
CA ASP C 168 13.98 -8.57 -14.70
C ASP C 168 15.39 -7.96 -14.79
N VAL C 169 16.12 -8.34 -15.83
CA VAL C 169 17.52 -7.91 -16.01
C VAL C 169 17.67 -6.40 -16.21
N PHE C 170 16.63 -5.75 -16.73
CA PHE C 170 16.65 -4.29 -16.93
C PHE C 170 16.65 -3.52 -15.61
N GLU C 171 16.29 -4.19 -14.51
CA GLU C 171 16.22 -3.58 -13.18
C GLU C 171 17.37 -4.00 -12.26
N GLN C 172 18.21 -4.92 -12.72
CA GLN C 172 19.41 -5.33 -11.99
C GLN C 172 20.57 -4.32 -12.15
N ASN C 173 21.59 -4.48 -11.31
CA ASN C 173 22.86 -3.79 -11.46
C ASN C 173 23.94 -4.45 -10.61
N GLY C 174 25.20 -4.25 -11.00
CA GLY C 174 26.34 -4.61 -10.16
C GLY C 174 26.75 -3.40 -9.35
N ASP C 175 27.87 -3.51 -8.63
CA ASP C 175 28.44 -2.38 -7.91
C ASP C 175 28.73 -1.24 -8.86
N GLY C 176 28.33 -0.03 -8.48
CA GLY C 176 28.56 1.15 -9.30
C GLY C 176 29.03 2.34 -8.50
N VAL C 177 29.78 3.22 -9.16
CA VAL C 177 30.29 4.44 -8.53
C VAL C 177 29.95 5.62 -9.44
N GLY C 178 29.56 6.74 -8.83
CA GLY C 178 29.19 7.92 -9.58
C GLY C 178 29.51 9.20 -8.84
N GLY C 179 29.66 10.27 -9.60
CA GLY C 179 29.94 11.60 -9.04
C GLY C 179 29.21 12.67 -9.81
N SER C 180 28.94 13.79 -9.14
CA SER C 180 28.35 14.95 -9.79
C SER C 180 28.95 16.22 -9.22
N ILE C 181 29.12 17.22 -10.08
CA ILE C 181 29.47 18.57 -9.66
C ILE C 181 28.50 19.53 -10.33
N THR C 182 28.03 20.53 -9.60
CA THR C 182 27.17 21.57 -10.15
C THR C 182 27.53 22.92 -9.58
N TYR C 183 27.28 23.97 -10.35
CA TYR C 183 27.46 25.34 -9.89
C TYR C 183 26.29 26.21 -10.34
N ASN C 184 25.61 26.82 -9.37
CA ASN C 184 24.52 27.76 -9.65
C ASN C 184 24.90 29.16 -9.15
N TYR C 185 24.57 30.18 -9.95
CA TYR C 185 24.86 31.57 -9.61
C TYR C 185 23.87 32.53 -10.26
N GLU C 186 23.09 33.22 -9.44
CA GLU C 186 22.10 34.19 -9.90
C GLU C 186 21.21 33.67 -11.04
N GLY C 187 20.73 32.44 -10.90
CA GLY C 187 19.82 31.85 -11.88
C GLY C 187 20.50 30.99 -12.92
N PHE C 188 21.79 31.19 -13.15
CA PHE C 188 22.54 30.40 -14.13
C PHE C 188 23.06 29.11 -13.49
N GLY C 189 22.84 27.98 -14.15
CA GLY C 189 23.27 26.70 -13.65
C GLY C 189 24.15 25.98 -14.65
N ILE C 190 25.19 25.31 -14.15
CA ILE C 190 26.05 24.49 -14.98
C ILE C 190 26.52 23.28 -14.17
N GLY C 191 26.48 22.10 -14.80
CA GLY C 191 26.80 20.86 -14.09
C GLY C 191 27.31 19.73 -14.97
N ALA C 192 28.09 18.85 -14.34
CA ALA C 192 28.55 17.62 -14.96
C ALA C 192 28.31 16.44 -14.00
N ALA C 193 28.06 15.26 -14.57
CA ALA C 193 27.89 14.03 -13.81
C ALA C 193 28.50 12.85 -14.56
N VAL C 194 28.99 11.87 -13.80
CA VAL C 194 29.61 10.69 -14.35
C VAL C 194 29.19 9.50 -13.49
N SER C 195 28.88 8.38 -14.13
CA SER C 195 28.58 7.16 -13.40
C SER C 195 29.20 5.97 -14.10
N SER C 196 29.57 4.98 -13.30
CA SER C 196 30.20 3.76 -13.79
C SER C 196 29.68 2.59 -12.96
N SER C 197 28.85 1.76 -13.58
CA SER C 197 28.26 0.60 -12.92
C SER C 197 28.73 -0.70 -13.57
N LYS C 198 28.90 -1.73 -12.75
CA LYS C 198 29.16 -3.07 -13.25
C LYS C 198 27.82 -3.69 -13.67
N ARG C 199 27.83 -4.39 -14.80
CA ARG C 199 26.65 -5.09 -15.28
C ARG C 199 26.69 -6.53 -14.76
N THR C 200 25.54 -7.04 -14.33
CA THR C 200 25.48 -8.36 -13.70
C THR C 200 25.59 -9.45 -14.76
N TRP C 201 25.76 -10.70 -14.33
CA TRP C 201 25.91 -11.81 -15.25
C TRP C 201 24.66 -12.05 -16.10
N ASP C 202 23.49 -11.98 -15.48
CA ASP C 202 22.23 -12.19 -16.20
C ASP C 202 21.99 -11.19 -17.34
N GLN C 203 22.38 -9.93 -17.14
CA GLN C 203 22.15 -8.92 -18.18
C GLN C 203 23.10 -9.05 -19.38
N ASN C 204 24.19 -9.79 -19.21
CA ASN C 204 25.13 -10.07 -20.29
C ASN C 204 25.00 -11.48 -20.90
N ASN C 205 24.18 -12.34 -20.28
CA ASN C 205 24.05 -13.73 -20.71
C ASN C 205 22.59 -14.17 -20.87
N THR C 206 21.77 -13.30 -21.46
CA THR C 206 20.37 -13.64 -21.78
C THR C 206 19.98 -13.27 -23.21
N GLY C 207 20.98 -13.06 -24.07
CA GLY C 207 20.74 -12.87 -25.50
C GLY C 207 20.38 -11.45 -25.96
N LEU C 208 20.41 -10.49 -25.03
CA LEU C 208 20.03 -9.11 -25.34
C LEU C 208 21.18 -8.36 -26.01
N ILE C 209 20.87 -7.19 -26.57
CA ILE C 209 21.88 -6.32 -27.16
C ILE C 209 22.44 -5.37 -26.11
N GLY C 210 23.59 -4.78 -26.40
CA GLY C 210 24.21 -3.84 -25.49
C GLY C 210 24.83 -4.50 -24.29
N THR C 211 25.33 -5.73 -24.48
CA THR C 211 26.04 -6.43 -23.42
C THR C 211 27.46 -5.90 -23.33
N GLY C 212 28.06 -6.06 -22.16
CA GLY C 212 29.38 -5.52 -21.88
C GLY C 212 29.65 -5.56 -20.39
N ASP C 213 30.89 -5.29 -20.02
CA ASP C 213 31.33 -5.42 -18.63
C ASP C 213 30.70 -4.35 -17.73
N ARG C 214 30.69 -3.10 -18.18
CA ARG C 214 30.22 -2.00 -17.35
C ARG C 214 29.21 -1.11 -18.09
N ALA C 215 28.33 -0.49 -17.30
CA ALA C 215 27.44 0.56 -17.79
C ALA C 215 28.03 1.91 -17.39
N GLU C 216 28.00 2.86 -18.31
CA GLU C 216 28.66 4.15 -18.10
C GLU C 216 27.84 5.30 -18.67
N THR C 217 27.77 6.40 -17.93
CA THR C 217 27.08 7.61 -18.37
C THR C 217 27.98 8.83 -18.14
N TYR C 218 28.03 9.74 -19.11
CA TYR C 218 28.74 11.01 -18.97
C TYR C 218 27.77 12.12 -19.33
N THR C 219 27.49 13.00 -18.37
CA THR C 219 26.44 14.00 -18.53
C THR C 219 26.97 15.42 -18.31
N GLY C 220 26.56 16.32 -19.20
CA GLY C 220 26.80 17.76 -19.05
C GLY C 220 25.45 18.45 -19.10
N GLY C 221 25.34 19.61 -18.44
CA GLY C 221 24.06 20.31 -18.35
C GLY C 221 24.20 21.79 -18.07
N LEU C 222 23.28 22.57 -18.64
CA LEU C 222 23.23 24.00 -18.46
C LEU C 222 21.78 24.41 -18.23
N LYS C 223 21.57 25.45 -17.42
CA LYS C 223 20.24 25.97 -17.20
C LYS C 223 20.22 27.43 -16.79
N TYR C 224 19.06 28.04 -16.99
CA TYR C 224 18.78 29.39 -16.53
C TYR C 224 17.41 29.38 -15.86
N ASP C 225 17.35 29.88 -14.63
CA ASP C 225 16.15 29.81 -13.81
C ASP C 225 16.02 31.12 -13.03
N ALA C 226 15.44 32.13 -13.69
CA ALA C 226 15.27 33.44 -13.09
C ALA C 226 14.37 34.32 -13.94
N ASN C 227 13.76 35.32 -13.32
CA ASN C 227 12.88 36.28 -14.00
C ASN C 227 11.73 35.61 -14.75
N ASN C 228 11.16 34.58 -14.14
CA ASN C 228 10.01 33.83 -14.68
C ASN C 228 10.31 33.00 -15.94
N ILE C 229 11.58 32.92 -16.31
CA ILE C 229 12.03 32.20 -17.50
C ILE C 229 12.77 30.94 -17.07
N TYR C 230 12.46 29.80 -17.68
CA TYR C 230 13.19 28.57 -17.44
C TYR C 230 13.74 27.97 -18.73
N LEU C 231 15.06 27.95 -18.84
CA LEU C 231 15.76 27.31 -19.96
C LEU C 231 16.69 26.26 -19.37
N ALA C 232 16.75 25.09 -20.01
CA ALA C 232 17.64 24.04 -19.55
C ALA C 232 17.96 23.09 -20.69
N ALA C 233 19.15 22.51 -20.62
CA ALA C 233 19.57 21.49 -21.57
C ALA C 233 20.48 20.47 -20.86
N GLN C 234 20.43 19.23 -21.31
CA GLN C 234 21.33 18.19 -20.83
C GLN C 234 21.76 17.28 -21.98
N TYR C 235 23.03 16.90 -21.99
CA TYR C 235 23.52 15.94 -22.95
C TYR C 235 24.25 14.82 -22.22
N THR C 236 23.73 13.60 -22.34
CA THR C 236 24.35 12.43 -21.74
C THR C 236 24.76 11.46 -22.84
N GLN C 237 26.00 10.98 -22.74
CA GLN C 237 26.53 9.95 -23.62
C GLN C 237 26.69 8.69 -22.78
N THR C 238 25.98 7.62 -23.16
CA THR C 238 25.97 6.39 -22.36
C THR C 238 26.60 5.23 -23.11
N TYR C 239 27.07 4.24 -22.34
CA TYR C 239 27.57 2.99 -22.90
C TYR C 239 26.97 1.82 -22.10
N ASN C 240 26.29 0.92 -22.79
CA ASN C 240 25.62 -0.23 -22.16
C ASN C 240 24.66 0.13 -21.02
N ALA C 241 24.11 1.34 -21.06
CA ALA C 241 23.31 1.88 -19.96
C ALA C 241 21.86 2.23 -20.36
N THR C 242 21.68 2.73 -21.59
CA THR C 242 20.38 3.17 -22.08
C THR C 242 19.57 1.97 -22.57
N ARG C 243 18.32 1.87 -22.11
CA ARG C 243 17.43 0.80 -22.55
C ARG C 243 16.90 1.08 -23.96
N VAL C 244 16.86 0.03 -24.79
CA VAL C 244 16.31 0.09 -26.13
C VAL C 244 15.09 -0.84 -26.21
N GLY C 245 13.94 -0.36 -25.75
CA GLY C 245 12.72 -1.17 -25.75
C GLY C 245 12.95 -2.51 -25.10
N SER C 246 12.55 -3.58 -25.77
CA SER C 246 12.75 -4.95 -25.28
C SER C 246 14.06 -5.57 -25.77
N LEU C 247 14.70 -4.92 -26.74
CA LEU C 247 15.87 -5.50 -27.43
C LEU C 247 17.04 -5.71 -26.50
N GLY C 248 17.20 -4.81 -25.54
CA GLY C 248 18.35 -4.84 -24.63
C GLY C 248 18.79 -3.43 -24.30
N TRP C 249 20.09 -3.18 -24.35
CA TRP C 249 20.65 -1.85 -24.12
C TRP C 249 21.41 -1.37 -25.36
N ALA C 250 21.74 -0.08 -25.39
CA ALA C 250 22.48 0.49 -26.52
C ALA C 250 23.97 0.46 -26.23
N ASN C 251 24.73 -0.25 -27.08
CA ASN C 251 26.20 -0.20 -27.01
C ASN C 251 26.66 1.21 -26.72
N LYS C 252 26.27 2.14 -27.60
CA LYS C 252 26.49 3.57 -27.38
C LYS C 252 25.17 4.33 -27.63
N ALA C 253 24.95 5.36 -26.83
CA ALA C 253 23.78 6.22 -26.99
C ALA C 253 24.14 7.67 -26.73
N GLN C 254 23.52 8.57 -27.49
CA GLN C 254 23.69 10.00 -27.31
C GLN C 254 22.32 10.60 -27.02
N ASN C 255 22.13 11.01 -25.77
CA ASN C 255 20.85 11.54 -25.31
C ASN C 255 20.93 13.06 -25.15
N PHE C 256 19.89 13.75 -25.61
CA PHE C 256 19.83 15.21 -25.52
C PHE C 256 18.41 15.66 -25.17
N GLU C 257 18.30 16.55 -24.20
CA GLU C 257 17.02 17.10 -23.77
C GLU C 257 17.16 18.61 -23.66
N ALA C 258 16.20 19.35 -24.19
CA ALA C 258 16.20 20.82 -24.13
C ALA C 258 14.78 21.31 -23.86
N VAL C 259 14.65 22.34 -23.01
CA VAL C 259 13.35 22.86 -22.59
C VAL C 259 13.36 24.38 -22.52
N ALA C 260 12.21 24.99 -22.85
CA ALA C 260 11.99 26.42 -22.67
C ALA C 260 10.61 26.66 -22.05
N GLN C 261 10.56 27.42 -20.96
CA GLN C 261 9.32 27.71 -20.26
C GLN C 261 9.24 29.18 -19.84
N TYR C 262 8.02 29.67 -19.70
CA TYR C 262 7.79 31.03 -19.22
C TYR C 262 6.61 31.05 -18.25
N GLN C 263 6.81 31.65 -17.08
CA GLN C 263 5.77 31.76 -16.07
C GLN C 263 5.08 33.12 -16.16
N PHE C 264 3.85 33.14 -16.65
CA PHE C 264 3.05 34.36 -16.62
C PHE C 264 2.63 34.65 -15.18
N ASP C 265 2.43 35.93 -14.86
CA ASP C 265 2.05 36.36 -13.51
C ASP C 265 0.70 35.81 -13.09
N PHE C 266 -0.25 35.76 -14.02
CA PHE C 266 -1.60 35.24 -13.74
C PHE C 266 -1.68 33.71 -13.59
N GLY C 267 -0.58 32.98 -13.81
CA GLY C 267 -0.52 31.56 -13.49
C GLY C 267 -0.22 30.59 -14.63
N LEU C 268 -0.27 31.07 -15.87
CA LEU C 268 -0.04 30.22 -17.05
C LEU C 268 1.45 29.98 -17.27
N ARG C 269 1.80 28.73 -17.57
CA ARG C 269 3.20 28.34 -17.81
C ARG C 269 3.31 27.47 -19.07
N PRO C 270 3.56 28.10 -20.25
CA PRO C 270 3.76 27.33 -21.49
C PRO C 270 5.13 26.67 -21.52
N SER C 271 5.20 25.48 -22.13
CA SER C 271 6.44 24.71 -22.18
C SER C 271 6.67 24.16 -23.58
N LEU C 272 7.90 24.28 -24.05
CA LEU C 272 8.33 23.71 -25.32
C LEU C 272 9.62 22.91 -25.06
N ALA C 273 9.59 21.62 -25.36
CA ALA C 273 10.76 20.76 -25.11
C ALA C 273 11.07 19.86 -26.30
N TYR C 274 12.34 19.47 -26.41
CA TYR C 274 12.81 18.54 -27.43
C TYR C 274 13.64 17.45 -26.76
N LEU C 275 13.19 16.21 -26.85
CA LEU C 275 13.95 15.07 -26.32
C LEU C 275 14.38 14.13 -27.44
N GLN C 276 15.55 13.53 -27.27
CA GLN C 276 16.16 12.71 -28.31
C GLN C 276 17.15 11.72 -27.69
N SER C 277 17.09 10.47 -28.14
CA SER C 277 18.06 9.44 -27.78
C SER C 277 18.50 8.69 -29.03
N LYS C 278 19.77 8.82 -29.39
CA LYS C 278 20.32 8.19 -30.61
C LYS C 278 21.15 6.96 -30.28
N GLY C 279 20.67 5.79 -30.68
CA GLY C 279 21.44 4.56 -30.54
C GLY C 279 22.49 4.44 -31.63
N LYS C 280 23.73 4.16 -31.25
CA LYS C 280 24.83 4.00 -32.20
C LYS C 280 25.38 2.58 -32.12
N ASN C 281 25.60 1.96 -33.29
CA ASN C 281 26.16 0.62 -33.40
C ASN C 281 25.47 -0.34 -32.43
N LEU C 282 24.14 -0.42 -32.54
CA LEU C 282 23.31 -1.21 -31.63
C LEU C 282 23.46 -2.72 -31.85
N GLY C 283 24.04 -3.12 -32.97
CA GLY C 283 24.11 -4.51 -33.36
C GLY C 283 22.75 -4.96 -33.85
N ARG C 284 22.61 -6.28 -34.02
CA ARG C 284 21.35 -6.86 -34.42
C ARG C 284 20.88 -6.39 -35.80
N GLY C 285 21.82 -5.95 -36.62
CA GLY C 285 21.53 -5.43 -37.94
C GLY C 285 21.08 -3.98 -38.02
N TYR C 286 20.96 -3.29 -36.89
CA TYR C 286 20.32 -1.95 -36.91
C TYR C 286 20.86 -0.65 -37.62
N ASP C 287 22.13 -0.28 -37.66
CA ASP C 287 23.04 -0.12 -36.53
C ASP C 287 22.87 1.24 -35.82
N ASP C 288 22.41 2.27 -36.51
CA ASP C 288 22.14 3.57 -35.88
C ASP C 288 20.64 3.87 -35.95
N GLU C 289 19.98 3.84 -34.79
CA GLU C 289 18.53 4.07 -34.72
C GLU C 289 18.17 5.04 -33.57
N ASP C 290 17.19 5.90 -33.84
CA ASP C 290 16.61 6.75 -32.81
C ASP C 290 15.84 5.87 -31.84
N ILE C 291 16.26 5.88 -30.58
CA ILE C 291 15.59 5.13 -29.53
C ILE C 291 14.39 5.93 -29.05
N LEU C 292 14.58 7.25 -28.96
CA LEU C 292 13.53 8.20 -28.60
C LEU C 292 13.73 9.44 -29.44
N LYS C 293 12.63 10.10 -29.81
CA LYS C 293 12.69 11.39 -30.50
C LYS C 293 11.29 12.01 -30.56
N TYR C 294 11.08 13.07 -29.79
CA TYR C 294 9.82 13.79 -29.86
C TYR C 294 9.95 15.24 -29.43
N VAL C 295 9.01 16.06 -29.90
CA VAL C 295 8.89 17.44 -29.48
C VAL C 295 7.69 17.49 -28.53
N ASP C 296 7.83 18.24 -27.45
CA ASP C 296 6.75 18.38 -26.49
C ASP C 296 6.30 19.82 -26.37
N VAL C 297 5.01 20.05 -26.65
CA VAL C 297 4.39 21.37 -26.45
C VAL C 297 3.25 21.21 -25.44
N GLY C 298 3.20 22.13 -24.48
CA GLY C 298 2.24 22.00 -23.39
C GLY C 298 2.08 23.27 -22.58
N ALA C 299 1.23 23.20 -21.57
CA ALA C 299 0.96 24.34 -20.69
C ALA C 299 0.31 23.87 -19.39
N THR C 300 0.79 24.40 -18.28
CA THR C 300 0.18 24.20 -16.97
C THR C 300 -0.39 25.53 -16.49
N TYR C 301 -1.61 25.50 -15.96
CA TYR C 301 -2.19 26.68 -15.33
C TYR C 301 -2.26 26.47 -13.83
N TYR C 302 -1.51 27.27 -13.07
CA TYR C 302 -1.50 27.14 -11.62
C TYR C 302 -2.56 28.02 -10.99
N PHE C 303 -3.60 27.40 -10.45
CA PHE C 303 -4.61 28.11 -9.67
C PHE C 303 -3.93 28.69 -8.42
N ASN C 304 -3.16 27.84 -7.75
CA ASN C 304 -2.27 28.25 -6.66
C ASN C 304 -1.23 27.14 -6.36
N LYS C 305 -0.55 27.25 -5.23
CA LYS C 305 0.42 26.25 -4.79
C LYS C 305 -0.21 24.85 -4.62
N ASN C 306 -1.50 24.80 -4.35
CA ASN C 306 -2.18 23.54 -4.06
C ASN C 306 -2.98 22.94 -5.22
N MET C 307 -3.17 23.70 -6.30
CA MET C 307 -4.03 23.25 -7.40
C MET C 307 -3.56 23.74 -8.78
N SER C 308 -3.66 22.86 -9.77
CA SER C 308 -3.34 23.22 -11.15
C SER C 308 -4.01 22.27 -12.14
N THR C 309 -3.98 22.65 -13.41
CA THR C 309 -4.40 21.80 -14.51
C THR C 309 -3.45 22.02 -15.67
N TYR C 310 -3.31 21.01 -16.52
CA TYR C 310 -2.38 21.10 -17.63
C TYR C 310 -2.75 20.25 -18.84
N VAL C 311 -2.28 20.70 -19.99
CA VAL C 311 -2.30 19.89 -21.21
C VAL C 311 -0.85 19.70 -21.66
N ASP C 312 -0.53 18.51 -22.14
CA ASP C 312 0.82 18.20 -22.60
C ASP C 312 0.71 17.40 -23.88
N TYR C 313 1.35 17.86 -24.95
CA TYR C 313 1.24 17.23 -26.28
C TYR C 313 2.59 16.69 -26.75
N LYS C 314 2.74 15.37 -26.66
CA LYS C 314 3.93 14.70 -27.16
C LYS C 314 3.80 14.47 -28.67
N ILE C 315 4.45 15.32 -29.45
CA ILE C 315 4.48 15.15 -30.90
C ILE C 315 5.63 14.19 -31.18
N ASN C 316 5.28 12.94 -31.49
CA ASN C 316 6.28 11.88 -31.66
C ASN C 316 6.93 11.93 -33.05
N LEU C 317 8.24 12.10 -33.08
CA LEU C 317 8.98 12.24 -34.34
C LEU C 317 9.57 10.93 -34.87
N LEU C 318 9.53 9.85 -34.09
CA LEU C 318 10.03 8.56 -34.55
C LEU C 318 9.18 8.03 -35.70
N ASP C 319 9.83 7.35 -36.64
CA ASP C 319 9.13 6.66 -37.72
C ASP C 319 8.75 5.25 -37.24
N ASP C 320 7.55 4.83 -37.60
CA ASP C 320 7.17 3.43 -37.46
C ASP C 320 8.00 2.62 -38.45
N ASN C 321 8.91 1.80 -37.93
CA ASN C 321 9.77 0.97 -38.77
C ASN C 321 10.10 -0.34 -38.08
N ARG C 322 10.98 -1.14 -38.69
CA ARG C 322 11.34 -2.46 -38.16
C ARG C 322 11.91 -2.39 -36.75
N PHE C 323 12.83 -1.46 -36.52
CA PHE C 323 13.47 -1.31 -35.20
C PHE C 323 12.47 -0.97 -34.10
N THR C 324 11.61 0.02 -34.36
CA THR C 324 10.66 0.49 -33.34
C THR C 324 9.60 -0.57 -33.00
N ARG C 325 9.18 -1.35 -33.99
CA ARG C 325 8.21 -2.44 -33.76
C ARG C 325 8.84 -3.58 -32.98
N ASP C 326 10.04 -3.98 -33.40
CA ASP C 326 10.82 -5.03 -32.73
C ASP C 326 11.14 -4.69 -31.29
N ALA C 327 11.54 -3.45 -31.06
CA ALA C 327 11.83 -2.97 -29.72
C ALA C 327 10.55 -2.71 -28.93
N GLY C 328 9.45 -2.47 -29.63
CA GLY C 328 8.17 -2.18 -28.99
C GLY C 328 8.11 -0.74 -28.50
N ILE C 329 8.77 0.15 -29.24
CA ILE C 329 8.82 1.56 -28.88
C ILE C 329 7.64 2.29 -29.51
N ASN C 330 6.93 3.06 -28.68
CA ASN C 330 5.83 3.89 -29.15
C ASN C 330 6.34 4.95 -30.12
N THR C 331 5.68 5.08 -31.27
CA THR C 331 5.97 6.14 -32.22
C THR C 331 4.75 7.05 -32.46
N ASP C 332 3.68 6.84 -31.69
CA ASP C 332 2.46 7.64 -31.83
C ASP C 332 2.47 8.84 -30.89
N ASP C 333 1.69 9.86 -31.27
CA ASP C 333 1.50 11.04 -30.42
C ASP C 333 0.72 10.67 -29.16
N ILE C 334 0.94 11.45 -28.10
CA ILE C 334 0.10 11.38 -26.90
C ILE C 334 -0.20 12.80 -26.44
N VAL C 335 -1.49 13.07 -26.19
CA VAL C 335 -1.92 14.30 -25.55
C VAL C 335 -2.37 13.94 -24.12
N ALA C 336 -1.83 14.65 -23.14
CA ALA C 336 -2.17 14.43 -21.74
C ALA C 336 -3.01 15.57 -21.22
N LEU C 337 -4.12 15.24 -20.55
CA LEU C 337 -4.99 16.22 -19.91
C LEU C 337 -5.09 15.86 -18.44
N GLY C 338 -4.66 16.77 -17.57
CA GLY C 338 -4.58 16.48 -16.14
C GLY C 338 -5.16 17.54 -15.23
N LEU C 339 -5.75 17.09 -14.12
CA LEU C 339 -6.21 17.98 -13.04
C LEU C 339 -5.54 17.50 -11.74
N VAL C 340 -4.88 18.42 -11.04
CA VAL C 340 -3.99 18.06 -9.94
C VAL C 340 -4.25 18.85 -8.67
N TYR C 341 -4.57 18.14 -7.59
CA TYR C 341 -4.57 18.70 -6.24
C TYR C 341 -3.36 18.16 -5.49
N GLN C 342 -2.65 19.02 -4.77
CA GLN C 342 -1.49 18.60 -3.97
C GLN C 342 -1.41 19.39 -2.67
N PHE C 343 -0.74 18.81 -1.67
CA PHE C 343 -0.60 19.42 -0.35
C PHE C 343 0.80 19.20 0.25
C1 OES D . -24.84 22.78 -19.21
C2 OES D . -23.76 21.90 -18.63
C3 OES D . -23.48 20.69 -19.52
C4 OES D . -22.54 19.69 -18.83
C5 OES D . -21.83 18.80 -19.85
C6 OES D . -20.56 19.47 -20.39
C7 OES D . -20.23 19.03 -21.82
C8 OES D . -18.86 18.39 -21.96
S2 OES D . -17.71 19.49 -22.59
C22 OES D . -16.19 18.75 -22.73
C23 OES D . -15.81 18.51 -24.19
O2 OES D . -17.61 20.66 -21.68
O3 OES D . -14.84 19.46 -24.63
C1 OES E . -10.06 -12.76 31.26
C2 OES E . -11.46 -12.79 30.69
C3 OES E . -11.99 -14.22 30.54
C4 OES E . -12.50 -14.55 29.14
C5 OES E . -14.02 -14.58 29.07
C6 OES E . -14.52 -14.38 27.64
C7 OES E . -15.78 -15.19 27.36
C8 OES E . -16.32 -14.92 25.96
S2 OES E . -17.50 -13.69 25.98
C22 OES E . -18.44 -13.78 24.56
C23 OES E . -19.88 -14.18 24.89
O2 OES E . -16.86 -12.36 26.07
O3 OES E . -20.40 -15.02 23.85
C1 OES F . 36.62 12.50 1.57
C2 OES F . 36.18 11.08 1.28
C3 OES F . 35.55 10.98 -0.11
C4 OES F . 34.36 10.02 -0.14
C5 OES F . 34.80 8.56 -0.19
C6 OES F . 33.83 7.64 0.53
C7 OES F . 34.49 6.33 0.93
C8 OES F . 33.50 5.41 1.63
S2 OES F . 34.15 4.71 3.05
C22 OES F . 33.16 3.44 3.60
C23 OES F . 33.91 2.11 3.61
O2 OES F . 34.27 5.76 4.10
O3 OES F . 34.38 1.82 4.93
#